data_9GDF
#
_entry.id   9GDF
#
_cell.length_a   143.688
_cell.length_b   98.340
_cell.length_c   94.085
_cell.angle_alpha   90.00
_cell.angle_beta   127.58
_cell.angle_gamma   90.00
#
_symmetry.space_group_name_H-M   'C 1 2 1'
#
loop_
_entity.id
_entity.type
_entity.pdbx_description
1 polymer 'Cytochrome c oxidase subunit 1'
2 polymer 'Cytochrome c oxidase subunit 2'
3 polymer 'Cytochrome c oxidase polypeptide 2A'
4 non-polymer 'COPPER (II) ION'
5 non-polymer 'PROTOPORPHYRIN IX CONTAINING FE'
6 non-polymer HEME-AS
7 non-polymer '(2R)-2,3-dihydroxypropyl (9Z)-octadec-9-enoate'
8 non-polymer 'CHLORIDE ION'
9 non-polymer 'DINUCLEAR COPPER ION'
10 water water
#
loop_
_entity_poly.entity_id
_entity_poly.type
_entity_poly.pdbx_seq_one_letter_code
_entity_poly.pdbx_strand_id
1 'polypeptide(L)'
;MHHHHHHHAVRASEISRVYEAYPEKKATLYFLVLGFLALIVGSLFGPFQALNYGNVDAYPLLKRLLPFVQSYYQGLTLHG
VLNAIVFTQLFAQAIMVYLPARELNMRPNMGLMWLSWWMAFIGLVVAALPLLANEATVLYTFYPPLKGHWAFYLGASVFV
LSTWVSIYIVLDLWRRWKAANPGKVTPLVTYMAVVFWLMWFLASLGLVLEAVLFLLPWSFGLVEGVDPLVARTLFWWTGH
PIVYFWLLPAYAIIYTILPKQAGGKLVSDPMARLAFLLFLLLSTPVGFHHQFADPGIDPTWKMIHSVLTLFVAVPSLMTA
FTVAASLEFAGRLRGGRGLFGWIRALPWDNPAFVAPVLGLLGFIPGGAGGIVNASFTLDYVVHNTAWVPGHFHLQVASLV
TLTAMGSLYWLLPNLTGKPISDAQRRLGLAVVWLWFLGMMIMAVGLHWAGLLNVPRRAYIAQVPDAYPHAAVPMVFNVLA
GIVLLVALLLFIYGLFSVLLSRERKPELAEAPLPFAEVISGPEDRRLVLAMDRIGFWFAVAAILVVLAYGPTLVQLFGHL
NPVPGWRLW
;
A
2 'polypeptide(L)'
;MVDEHKAHKAILAYEKGWLAFSLAMLFVFIALIAYTLATHTAGVIPAGKLERVDPTTVRQEGPWADPAQAVVQTGPNQYT
VYVLAFAFGYQPNPIEVPQGAEIVFKITSPDVIHGFHVEGTNINVEVLPGEVSTVRYTFKRPGEYRIICNQYCGLGHQNM
FGTIVVKE
;
B
3 'polypeptide(L)' MEEKPKGALAVILVLTLTILVFWLGVYAVFFARG C
#
loop_
_chem_comp.id
_chem_comp.type
_chem_comp.name
_chem_comp.formula
CL non-polymer 'CHLORIDE ION' 'Cl -1'
CU non-polymer 'COPPER (II) ION' 'Cu 2'
CUA non-polymer 'DINUCLEAR COPPER ION' Cu2
HAS non-polymer HEME-AS 'C54 H64 Fe N4 O6'
HEM non-polymer 'PROTOPORPHYRIN IX CONTAINING FE' 'C34 H32 Fe N4 O4'
OLC non-polymer '(2R)-2,3-dihydroxypropyl (9Z)-octadec-9-enoate' 'C21 H40 O4'
#
# COMPACT_ATOMS: atom_id res chain seq x y z
N SER A 16 35.89 7.35 -13.12
CA SER A 16 36.45 6.10 -12.54
C SER A 16 36.54 5.03 -13.62
N ARG A 17 37.56 4.18 -13.46
CA ARG A 17 37.70 2.94 -14.18
C ARG A 17 36.70 1.94 -13.59
N VAL A 18 36.13 2.24 -12.42
CA VAL A 18 35.08 1.44 -11.81
C VAL A 18 33.81 1.55 -12.67
N TYR A 19 33.47 2.77 -13.06
CA TYR A 19 32.31 3.00 -13.91
C TYR A 19 32.51 2.50 -15.36
N GLU A 20 33.76 2.37 -15.85
CA GLU A 20 33.97 1.81 -17.18
C GLU A 20 33.74 0.30 -17.10
N ALA A 21 34.15 -0.34 -15.99
CA ALA A 21 33.95 -1.78 -15.83
C ALA A 21 32.55 -2.11 -15.32
N TYR A 22 31.97 -1.24 -14.49
CA TYR A 22 30.66 -1.49 -13.89
C TYR A 22 29.77 -0.27 -14.10
N PRO A 23 29.34 0.00 -15.35
CA PRO A 23 28.56 1.21 -15.65
C PRO A 23 27.17 1.14 -15.00
N GLU A 24 26.70 -0.07 -14.70
CA GLU A 24 25.47 -0.27 -13.95
C GLU A 24 25.53 0.40 -12.57
N LYS A 25 26.72 0.60 -11.99
CA LYS A 25 26.80 1.28 -10.71
C LYS A 25 26.25 2.68 -10.84
N LYS A 26 26.66 3.40 -11.89
CA LYS A 26 26.26 4.80 -12.07
C LYS A 26 24.75 4.89 -12.33
N ALA A 27 24.21 4.01 -13.18
CA ALA A 27 22.79 4.06 -13.46
C ALA A 27 21.99 3.75 -12.18
N THR A 28 22.45 2.77 -11.41
CA THR A 28 21.80 2.40 -10.15
C THR A 28 21.82 3.61 -9.22
N LEU A 29 22.96 4.30 -9.14
CA LEU A 29 23.08 5.47 -8.30
C LEU A 29 22.02 6.50 -8.69
N TYR A 30 21.84 6.70 -9.99
CA TYR A 30 20.95 7.74 -10.47
C TYR A 30 19.50 7.42 -10.11
N PHE A 31 19.12 6.15 -10.20
CA PHE A 31 17.78 5.77 -9.76
C PHE A 31 17.61 6.08 -8.26
N LEU A 32 18.60 5.70 -7.45
CA LEU A 32 18.52 5.80 -6.00
C LEU A 32 18.43 7.26 -5.59
N VAL A 33 19.29 8.12 -6.17
CA VAL A 33 19.31 9.51 -5.74
C VAL A 33 18.02 10.16 -6.18
N LEU A 34 17.58 9.86 -7.41
CA LEU A 34 16.35 10.47 -7.87
C LEU A 34 15.20 10.10 -6.92
N GLY A 35 15.13 8.84 -6.48
CA GLY A 35 14.14 8.36 -5.55
C GLY A 35 14.22 9.03 -4.17
N PHE A 36 15.42 9.17 -3.60
CA PHE A 36 15.58 9.91 -2.36
C PHE A 36 15.14 11.37 -2.50
N LEU A 37 15.40 12.00 -3.66
CA LEU A 37 14.99 13.38 -3.84
C LEU A 37 13.46 13.48 -3.80
N ALA A 38 12.77 12.60 -4.52
CA ALA A 38 11.33 12.52 -4.50
C ALA A 38 10.84 12.25 -3.08
N LEU A 39 11.59 11.41 -2.34
CA LEU A 39 11.19 11.06 -0.97
C LEU A 39 11.22 12.32 -0.11
N ILE A 40 12.26 13.13 -0.28
CA ILE A 40 12.41 14.31 0.54
C ILE A 40 11.30 15.31 0.23
N VAL A 41 11.03 15.55 -1.05
CA VAL A 41 10.05 16.55 -1.43
C VAL A 41 8.65 16.13 -0.97
N GLY A 42 8.23 14.89 -1.24
CA GLY A 42 6.91 14.47 -0.80
C GLY A 42 6.77 14.47 0.72
N SER A 43 7.83 14.10 1.40
CA SER A 43 7.82 13.99 2.85
C SER A 43 7.71 15.35 3.52
N LEU A 44 8.11 16.44 2.85
CA LEU A 44 7.97 17.77 3.44
C LEU A 44 6.51 17.97 3.89
N PHE A 45 5.56 17.44 3.10
CA PHE A 45 4.14 17.64 3.39
C PHE A 45 3.66 16.80 4.59
N GLY A 46 4.35 15.70 4.89
CA GLY A 46 3.93 14.77 5.94
C GLY A 46 3.70 15.40 7.31
N PRO A 47 4.68 16.12 7.88
CA PRO A 47 4.50 16.69 9.22
C PRO A 47 3.30 17.63 9.33
N PHE A 48 3.08 18.42 8.27
CA PHE A 48 1.91 19.26 8.14
C PHE A 48 0.63 18.44 8.15
N GLN A 49 0.62 17.30 7.47
CA GLN A 49 -0.57 16.45 7.45
C GLN A 49 -0.78 15.78 8.80
N ALA A 50 0.31 15.38 9.48
CA ALA A 50 0.22 14.81 10.81
C ALA A 50 -0.35 15.84 11.79
N LEU A 51 0.12 17.10 11.72
CA LEU A 51 -0.39 18.13 12.61
C LEU A 51 -1.89 18.33 12.37
N ASN A 52 -2.28 18.25 11.08
CA ASN A 52 -3.66 18.41 10.71
C ASN A 52 -4.51 17.34 11.38
N TYR A 53 -4.08 16.07 11.35
CA TYR A 53 -4.81 14.98 12.01
C TYR A 53 -4.67 15.09 13.54
N GLY A 54 -3.83 16.04 13.99
CA GLY A 54 -3.76 16.43 15.39
C GLY A 54 -4.59 17.69 15.67
N ASN A 55 -5.33 18.17 14.65
CA ASN A 55 -6.21 19.32 14.75
C ASN A 55 -5.38 20.60 14.85
N VAL A 56 -4.14 20.59 14.33
CA VAL A 56 -3.35 21.81 14.26
C VAL A 56 -3.14 22.18 12.80
N ASP A 57 -3.49 23.42 12.50
CA ASP A 57 -3.37 23.95 11.15
C ASP A 57 -2.07 24.76 11.01
N ALA A 58 -1.06 24.18 10.36
CA ALA A 58 0.20 24.85 10.12
C ALA A 58 0.41 25.14 8.64
N TYR A 59 -0.65 24.98 7.84
CA TYR A 59 -0.58 25.27 6.40
C TYR A 59 -0.21 26.73 6.12
N PRO A 60 -0.67 27.74 6.90
CA PRO A 60 -0.22 29.12 6.65
C PRO A 60 1.30 29.28 6.57
N LEU A 61 2.02 28.58 7.44
CA LEU A 61 3.47 28.56 7.50
C LEU A 61 4.03 27.93 6.24
N LEU A 62 3.39 26.83 5.80
CA LEU A 62 3.90 26.07 4.66
C LEU A 62 3.78 26.90 3.38
N LYS A 63 2.68 27.63 3.26
CA LYS A 63 2.38 28.41 2.05
C LYS A 63 3.25 29.66 1.97
N ARG A 64 3.79 30.11 3.11
CA ARG A 64 4.76 31.19 3.18
C ARG A 64 6.15 30.66 2.77
N LEU A 65 6.43 29.40 3.13
CA LEU A 65 7.63 28.69 2.75
C LEU A 65 7.57 28.24 1.29
N LEU A 66 6.41 27.70 0.87
CA LEU A 66 6.25 27.15 -0.48
C LEU A 66 5.02 27.79 -1.11
N PRO A 67 5.17 28.98 -1.73
CA PRO A 67 4.02 29.78 -2.16
C PRO A 67 3.20 29.22 -3.31
N PHE A 68 3.75 28.24 -4.05
CA PHE A 68 2.95 27.52 -5.04
C PHE A 68 1.87 26.63 -4.38
N VAL A 69 1.95 26.32 -3.08
CA VAL A 69 0.97 25.42 -2.47
C VAL A 69 -0.36 26.16 -2.20
N GLN A 70 -1.41 25.72 -2.90
CA GLN A 70 -2.72 26.36 -2.82
C GLN A 70 -3.63 25.67 -1.81
N SER A 71 -3.40 24.39 -1.47
CA SER A 71 -4.31 23.73 -0.53
C SER A 71 -3.67 22.54 0.18
N TYR A 72 -4.34 22.10 1.24
CA TYR A 72 -4.04 20.82 1.86
C TYR A 72 -4.01 19.71 0.80
N TYR A 73 -5.00 19.69 -0.10
CA TYR A 73 -5.19 18.58 -1.03
C TYR A 73 -4.15 18.56 -2.15
N GLN A 74 -3.65 19.73 -2.59
CA GLN A 74 -2.54 19.76 -3.50
C GLN A 74 -1.29 19.16 -2.84
N GLY A 75 -1.08 19.51 -1.57
CA GLY A 75 -0.03 18.90 -0.75
C GLY A 75 -0.15 17.38 -0.61
N LEU A 76 -1.36 16.90 -0.35
CA LEU A 76 -1.57 15.46 -0.19
C LEU A 76 -1.34 14.72 -1.52
N THR A 77 -1.64 15.38 -2.65
CA THR A 77 -1.39 14.81 -3.97
C THR A 77 0.11 14.63 -4.16
N LEU A 78 0.87 15.68 -3.87
CA LEU A 78 2.32 15.64 -4.05
C LEU A 78 2.91 14.57 -3.15
N HIS A 79 2.42 14.50 -1.91
CA HIS A 79 2.86 13.53 -0.91
C HIS A 79 2.68 12.11 -1.42
N GLY A 80 1.43 11.74 -1.74
CA GLY A 80 1.13 10.42 -2.26
C GLY A 80 1.94 10.01 -3.49
N VAL A 81 1.96 10.88 -4.52
CA VAL A 81 2.61 10.61 -5.80
C VAL A 81 4.13 10.47 -5.60
N LEU A 82 4.75 11.49 -4.97
CA LEU A 82 6.21 11.53 -4.83
C LEU A 82 6.71 10.41 -3.90
N ASN A 83 6.03 10.13 -2.79
CA ASN A 83 6.51 9.11 -1.84
C ASN A 83 6.11 7.71 -2.29
N ALA A 84 4.82 7.50 -2.55
CA ALA A 84 4.33 6.13 -2.74
C ALA A 84 4.49 5.64 -4.18
N ILE A 85 4.49 6.54 -5.16
CA ILE A 85 4.57 6.09 -6.55
C ILE A 85 6.01 6.22 -7.03
N VAL A 86 6.56 7.43 -6.88
CA VAL A 86 7.83 7.75 -7.49
C VAL A 86 9.03 7.14 -6.74
N PHE A 87 9.24 7.52 -5.48
CA PHE A 87 10.36 7.01 -4.70
C PHE A 87 10.42 5.47 -4.71
N THR A 88 9.27 4.86 -4.44
CA THR A 88 9.22 3.42 -4.30
C THR A 88 9.58 2.74 -5.62
N GLN A 89 9.10 3.30 -6.75
CA GLN A 89 9.37 2.63 -8.03
C GLN A 89 10.87 2.71 -8.30
N LEU A 90 11.44 3.88 -8.01
CA LEU A 90 12.81 4.13 -8.39
C LEU A 90 13.67 3.23 -7.53
N PHE A 91 13.29 3.06 -6.28
CA PHE A 91 14.01 2.15 -5.41
C PHE A 91 13.91 0.74 -5.97
N ALA A 92 12.70 0.30 -6.37
CA ALA A 92 12.53 -1.04 -6.93
C ALA A 92 13.40 -1.24 -8.17
N GLN A 93 13.50 -0.19 -9.03
CA GLN A 93 14.28 -0.31 -10.27
C GLN A 93 15.78 -0.40 -9.96
N ALA A 94 16.27 0.37 -8.99
CA ALA A 94 17.63 0.27 -8.50
C ALA A 94 17.95 -1.14 -8.00
N ILE A 95 17.24 -1.56 -6.94
CA ILE A 95 17.57 -2.79 -6.23
C ILE A 95 17.36 -4.02 -7.12
N MET A 96 16.21 -4.12 -7.79
CA MET A 96 15.87 -5.35 -8.48
C MET A 96 16.45 -5.43 -9.88
N VAL A 97 17.32 -4.48 -10.31
CA VAL A 97 18.17 -4.69 -11.46
C VAL A 97 19.62 -4.98 -10.99
N TYR A 98 20.14 -4.15 -10.09
CA TYR A 98 21.53 -4.17 -9.66
C TYR A 98 21.87 -5.42 -8.84
N LEU A 99 21.06 -5.81 -7.85
CA LEU A 99 21.40 -7.00 -7.07
C LEU A 99 21.53 -8.25 -7.95
N PRO A 100 20.54 -8.58 -8.83
CA PRO A 100 20.68 -9.72 -9.74
C PRO A 100 21.88 -9.62 -10.66
N ALA A 101 22.10 -8.43 -11.21
CA ALA A 101 23.26 -8.21 -12.06
C ALA A 101 24.54 -8.57 -11.29
N ARG A 102 24.68 -8.12 -10.03
CA ARG A 102 25.89 -8.39 -9.26
C ARG A 102 25.98 -9.86 -8.87
N GLU A 103 24.85 -10.50 -8.58
CA GLU A 103 24.90 -11.90 -8.22
C GLU A 103 25.40 -12.73 -9.41
N LEU A 104 24.90 -12.45 -10.61
CA LEU A 104 25.30 -13.18 -11.80
C LEU A 104 26.66 -12.71 -12.29
N ASN A 105 27.13 -11.59 -11.74
CA ASN A 105 28.33 -10.92 -12.23
C ASN A 105 28.22 -10.75 -13.74
N MET A 106 27.11 -10.13 -14.16
CA MET A 106 26.89 -9.87 -15.57
C MET A 106 26.42 -8.44 -15.72
N ARG A 107 26.71 -7.84 -16.87
CA ARG A 107 26.30 -6.49 -17.14
C ARG A 107 24.90 -6.44 -17.74
N PRO A 108 23.97 -5.61 -17.21
CA PRO A 108 22.70 -5.38 -17.89
C PRO A 108 22.95 -4.61 -19.20
N ASN A 109 21.99 -4.72 -20.09
CA ASN A 109 21.96 -3.89 -21.27
C ASN A 109 21.95 -2.42 -20.84
N MET A 110 23.06 -1.73 -21.11
CA MET A 110 23.27 -0.40 -20.57
C MET A 110 22.48 0.65 -21.35
N GLY A 111 22.36 0.50 -22.68
CA GLY A 111 21.46 1.35 -23.44
C GLY A 111 20.03 1.32 -22.86
N LEU A 112 19.51 0.12 -22.59
CA LEU A 112 18.17 0.00 -22.06
C LEU A 112 18.10 0.56 -20.64
N MET A 113 19.13 0.33 -19.82
CA MET A 113 19.08 0.74 -18.43
C MET A 113 19.02 2.27 -18.37
N TRP A 114 19.79 2.94 -19.25
CA TRP A 114 19.73 4.39 -19.30
C TRP A 114 18.42 4.88 -19.90
N LEU A 115 17.86 4.14 -20.86
CA LEU A 115 16.54 4.49 -21.37
C LEU A 115 15.54 4.51 -20.23
N SER A 116 15.56 3.48 -19.36
CA SER A 116 14.58 3.39 -18.29
C SER A 116 14.71 4.59 -17.34
N TRP A 117 15.95 5.04 -17.07
CA TRP A 117 16.13 6.17 -16.17
C TRP A 117 15.54 7.43 -16.80
N TRP A 118 15.84 7.65 -18.10
CA TRP A 118 15.40 8.89 -18.74
C TRP A 118 13.88 8.92 -18.88
N MET A 119 13.27 7.76 -19.11
CA MET A 119 11.82 7.62 -19.17
C MET A 119 11.22 8.03 -17.83
N ALA A 120 11.76 7.52 -16.72
CA ALA A 120 11.31 7.87 -15.37
C ALA A 120 11.47 9.35 -15.13
N PHE A 121 12.66 9.87 -15.46
CA PHE A 121 12.97 11.27 -15.21
C PHE A 121 12.01 12.20 -15.95
N ILE A 122 11.82 11.94 -17.25
CA ILE A 122 11.01 12.81 -18.12
C ILE A 122 9.54 12.73 -17.69
N GLY A 123 9.03 11.52 -17.51
CA GLY A 123 7.66 11.33 -17.02
C GLY A 123 7.43 12.09 -15.70
N LEU A 124 8.41 12.01 -14.80
CA LEU A 124 8.31 12.70 -13.51
C LEU A 124 8.20 14.19 -13.70
N VAL A 125 9.07 14.76 -14.56
CA VAL A 125 9.06 16.19 -14.82
C VAL A 125 7.74 16.58 -15.47
N VAL A 126 7.24 15.77 -16.40
CA VAL A 126 6.03 16.16 -17.12
C VAL A 126 4.83 16.13 -16.16
N ALA A 127 4.74 15.12 -15.29
CA ALA A 127 3.67 15.03 -14.31
C ALA A 127 3.82 16.11 -13.23
N ALA A 128 5.07 16.44 -12.85
CA ALA A 128 5.35 17.42 -11.81
C ALA A 128 4.76 18.79 -12.15
N LEU A 129 4.76 19.16 -13.44
CA LEU A 129 4.38 20.50 -13.87
C LEU A 129 2.91 20.82 -13.55
N PRO A 130 1.90 20.05 -14.00
CA PRO A 130 0.53 20.27 -13.56
C PRO A 130 0.37 20.18 -12.04
N LEU A 131 1.04 19.24 -11.39
CA LEU A 131 0.89 19.06 -9.95
C LEU A 131 1.27 20.33 -9.20
N LEU A 132 2.42 20.89 -9.55
CA LEU A 132 2.96 22.08 -8.89
C LEU A 132 2.17 23.32 -9.25
N ALA A 133 1.40 23.27 -10.34
CA ALA A 133 0.62 24.41 -10.79
C ALA A 133 -0.85 24.32 -10.38
N ASN A 134 -1.19 23.28 -9.59
CA ASN A 134 -2.53 23.15 -9.04
C ASN A 134 -3.55 22.76 -10.11
N GLU A 135 -3.12 21.94 -11.08
CA GLU A 135 -3.95 21.54 -12.21
C GLU A 135 -4.23 20.03 -12.15
N ALA A 136 -3.83 19.34 -11.08
CA ALA A 136 -4.11 17.91 -10.97
C ALA A 136 -4.18 17.49 -9.51
N THR A 137 -4.97 18.25 -8.75
CA THR A 137 -5.16 17.97 -7.34
C THR A 137 -6.23 16.90 -7.20
N VAL A 138 -5.87 15.68 -7.60
CA VAL A 138 -6.80 14.56 -7.69
C VAL A 138 -6.35 13.38 -6.82
N LEU A 139 -5.23 13.52 -6.14
CA LEU A 139 -4.58 12.51 -5.31
C LEU A 139 -3.97 11.40 -6.16
N TYR A 140 -3.18 10.55 -5.49
CA TYR A 140 -2.35 9.58 -6.16
C TYR A 140 -3.20 8.44 -6.71
N THR A 141 -4.51 8.45 -6.43
CA THR A 141 -5.44 7.48 -6.97
C THR A 141 -6.21 8.00 -8.18
N PHE A 142 -6.22 9.32 -8.35
CA PHE A 142 -6.82 10.00 -9.47
C PHE A 142 -8.12 9.32 -9.93
N TYR A 143 -9.11 9.25 -9.04
CA TYR A 143 -10.39 8.65 -9.37
C TYR A 143 -11.28 9.60 -10.17
N PRO A 144 -11.67 9.19 -11.40
CA PRO A 144 -12.66 9.94 -12.18
C PRO A 144 -14.01 9.98 -11.45
N PRO A 145 -14.86 10.98 -11.69
CA PRO A 145 -14.63 12.01 -12.71
C PRO A 145 -13.85 13.26 -12.29
N LEU A 146 -13.18 13.21 -11.14
CA LEU A 146 -12.18 14.23 -10.89
C LEU A 146 -11.14 14.15 -11.98
N LYS A 147 -10.90 15.29 -12.64
CA LYS A 147 -10.25 15.34 -13.93
C LYS A 147 -8.96 16.17 -13.90
N GLY A 148 -7.80 15.49 -13.87
CA GLY A 148 -6.53 16.22 -13.88
C GLY A 148 -6.15 16.69 -15.28
N HIS A 149 -5.14 17.55 -15.35
CA HIS A 149 -4.50 17.92 -16.60
C HIS A 149 -3.86 16.71 -17.27
N TRP A 150 -3.88 16.71 -18.61
CA TRP A 150 -3.38 15.61 -19.44
C TRP A 150 -1.91 15.30 -19.14
N ALA A 151 -1.12 16.29 -18.71
CA ALA A 151 0.31 16.06 -18.53
C ALA A 151 0.53 15.24 -17.26
N PHE A 152 -0.44 15.27 -16.35
CA PHE A 152 -0.38 14.41 -15.17
C PHE A 152 -0.47 12.93 -15.59
N TYR A 153 -1.47 12.58 -16.40
CA TYR A 153 -1.71 11.18 -16.77
C TYR A 153 -0.64 10.70 -17.77
N LEU A 154 -0.20 11.60 -18.64
CA LEU A 154 0.75 11.18 -19.65
C LEU A 154 2.11 10.95 -19.00
N GLY A 155 2.53 11.88 -18.12
CA GLY A 155 3.78 11.76 -17.39
C GLY A 155 3.82 10.57 -16.43
N ALA A 156 2.75 10.37 -15.66
CA ALA A 156 2.58 9.19 -14.84
C ALA A 156 2.61 7.93 -15.71
N SER A 157 2.02 7.96 -16.90
CA SER A 157 2.02 6.80 -17.78
C SER A 157 3.44 6.42 -18.23
N VAL A 158 4.22 7.43 -18.65
CA VAL A 158 5.56 7.20 -19.11
C VAL A 158 6.45 6.77 -17.95
N PHE A 159 6.21 7.38 -16.77
CA PHE A 159 6.97 7.06 -15.56
C PHE A 159 6.84 5.57 -15.29
N VAL A 160 5.61 5.08 -15.22
CA VAL A 160 5.37 3.69 -14.85
C VAL A 160 5.89 2.75 -15.95
N LEU A 161 5.70 3.14 -17.21
CA LEU A 161 6.13 2.31 -18.34
C LEU A 161 7.64 2.10 -18.38
N SER A 162 8.39 3.02 -17.76
CA SER A 162 9.81 2.84 -17.48
C SER A 162 10.10 1.42 -16.99
N THR A 163 9.18 0.86 -16.19
CA THR A 163 9.39 -0.43 -15.55
C THR A 163 9.33 -1.57 -16.56
N TRP A 164 8.60 -1.39 -17.67
CA TRP A 164 8.58 -2.44 -18.69
C TRP A 164 10.00 -2.64 -19.26
N VAL A 165 10.75 -1.56 -19.36
CA VAL A 165 12.12 -1.70 -19.81
C VAL A 165 12.93 -2.44 -18.74
N SER A 166 12.68 -2.14 -17.46
CA SER A 166 13.34 -2.84 -16.36
C SER A 166 13.07 -4.35 -16.43
N ILE A 167 11.81 -4.73 -16.64
CA ILE A 167 11.45 -6.14 -16.78
C ILE A 167 12.28 -6.79 -17.90
N TYR A 168 12.34 -6.13 -19.06
CA TYR A 168 13.00 -6.67 -20.23
C TYR A 168 14.46 -6.92 -19.88
N ILE A 169 15.05 -5.95 -19.17
CA ILE A 169 16.47 -5.97 -18.85
C ILE A 169 16.82 -7.19 -18.02
N VAL A 170 15.97 -7.52 -17.05
CA VAL A 170 16.27 -8.56 -16.10
C VAL A 170 15.94 -9.93 -16.70
N LEU A 171 14.89 -10.03 -17.52
CA LEU A 171 14.65 -11.26 -18.28
C LEU A 171 15.80 -11.56 -19.24
N ASP A 172 16.38 -10.52 -19.84
CA ASP A 172 17.55 -10.62 -20.69
C ASP A 172 18.73 -11.22 -19.92
N LEU A 173 19.09 -10.61 -18.77
CA LEU A 173 20.15 -11.11 -17.91
C LEU A 173 19.90 -12.58 -17.54
N TRP A 174 18.68 -12.91 -17.14
CA TRP A 174 18.37 -14.27 -16.72
C TRP A 174 18.58 -15.25 -17.87
N ARG A 175 18.10 -14.89 -19.07
CA ARG A 175 18.20 -15.79 -20.22
C ARG A 175 19.63 -15.94 -20.74
N ARG A 176 20.46 -14.88 -20.68
CA ARG A 176 21.86 -15.01 -21.03
C ARG A 176 22.52 -15.99 -20.04
N TRP A 177 22.14 -15.87 -18.77
CA TRP A 177 22.77 -16.67 -17.75
C TRP A 177 22.41 -18.16 -17.90
N LYS A 178 21.12 -18.45 -18.16
CA LYS A 178 20.65 -19.82 -18.38
C LYS A 178 21.19 -20.40 -19.68
N ALA A 179 21.49 -19.55 -20.69
CA ALA A 179 22.09 -20.02 -21.94
C ALA A 179 23.52 -20.51 -21.68
N ALA A 180 24.21 -19.79 -20.80
CA ALA A 180 25.57 -20.11 -20.44
C ALA A 180 25.61 -21.21 -19.38
N ASN A 181 24.48 -21.49 -18.70
CA ASN A 181 24.49 -22.47 -17.61
C ASN A 181 23.27 -23.39 -17.72
N PRO A 182 23.13 -24.19 -18.80
CA PRO A 182 21.95 -25.05 -18.94
C PRO A 182 22.07 -26.10 -17.84
N GLY A 183 20.93 -26.58 -17.38
CA GLY A 183 20.90 -27.52 -16.28
C GLY A 183 21.28 -26.90 -14.93
N LYS A 184 21.42 -25.58 -14.80
CA LYS A 184 21.50 -25.01 -13.45
C LYS A 184 20.21 -24.29 -13.09
N VAL A 185 19.83 -24.42 -11.82
CA VAL A 185 18.75 -23.65 -11.23
C VAL A 185 19.14 -22.17 -11.17
N THR A 186 18.15 -21.32 -11.39
CA THR A 186 18.32 -19.90 -11.21
C THR A 186 18.85 -19.61 -9.81
N PRO A 187 19.94 -18.81 -9.69
CA PRO A 187 20.40 -18.33 -8.39
C PRO A 187 19.30 -17.50 -7.72
N LEU A 188 19.38 -17.44 -6.38
CA LEU A 188 18.28 -17.02 -5.53
C LEU A 188 17.81 -15.57 -5.79
N VAL A 189 18.74 -14.61 -5.82
CA VAL A 189 18.39 -13.20 -5.95
C VAL A 189 17.78 -12.97 -7.33
N THR A 190 18.35 -13.62 -8.33
CA THR A 190 17.87 -13.56 -9.71
C THR A 190 16.50 -14.23 -9.81
N TYR A 191 16.26 -15.31 -9.06
CA TYR A 191 14.96 -15.97 -9.05
C TYR A 191 13.92 -14.98 -8.51
N MET A 192 14.26 -14.35 -7.38
CA MET A 192 13.40 -13.36 -6.78
C MET A 192 13.05 -12.28 -7.79
N ALA A 193 14.07 -11.78 -8.48
CA ALA A 193 13.88 -10.60 -9.30
C ALA A 193 13.04 -10.96 -10.52
N VAL A 194 13.28 -12.16 -11.09
CA VAL A 194 12.56 -12.55 -12.29
C VAL A 194 11.07 -12.64 -11.93
N VAL A 195 10.71 -13.29 -10.81
CA VAL A 195 9.30 -13.52 -10.55
C VAL A 195 8.63 -12.21 -10.14
N PHE A 196 9.39 -11.36 -9.43
CA PHE A 196 8.98 -10.02 -9.10
C PHE A 196 8.60 -9.24 -10.36
N TRP A 197 9.52 -9.12 -11.33
CA TRP A 197 9.26 -8.33 -12.53
C TRP A 197 8.13 -8.96 -13.35
N LEU A 198 8.02 -10.30 -13.38
CA LEU A 198 6.94 -10.89 -14.16
C LEU A 198 5.60 -10.59 -13.47
N MET A 199 5.59 -10.67 -12.13
CA MET A 199 4.41 -10.34 -11.37
C MET A 199 3.99 -8.92 -11.73
N TRP A 200 4.97 -8.01 -11.83
CA TRP A 200 4.68 -6.60 -12.02
C TRP A 200 4.15 -6.37 -13.42
N PHE A 201 4.54 -7.23 -14.37
CA PHE A 201 4.04 -7.07 -15.72
C PHE A 201 2.52 -7.26 -15.73
N LEU A 202 2.06 -8.44 -15.27
CA LEU A 202 0.66 -8.80 -15.13
C LEU A 202 -0.10 -7.73 -14.36
N ALA A 203 0.48 -7.33 -13.22
CA ALA A 203 -0.11 -6.35 -12.33
C ALA A 203 -0.33 -5.04 -13.07
N SER A 204 0.69 -4.60 -13.81
CA SER A 204 0.72 -3.24 -14.35
C SER A 204 -0.39 -3.01 -15.40
N LEU A 205 -0.99 -4.10 -15.91
CA LEU A 205 -1.87 -4.04 -17.08
C LEU A 205 -3.18 -3.31 -16.80
N GLY A 206 -3.73 -3.47 -15.58
CA GLY A 206 -4.87 -2.69 -15.13
C GLY A 206 -4.76 -1.18 -15.40
N LEU A 207 -3.74 -0.55 -14.81
CA LEU A 207 -3.52 0.88 -14.91
C LEU A 207 -3.20 1.28 -16.34
N VAL A 208 -2.46 0.44 -17.05
CA VAL A 208 -2.07 0.72 -18.43
C VAL A 208 -3.33 0.76 -19.31
N LEU A 209 -4.21 -0.22 -19.09
CA LEU A 209 -5.50 -0.21 -19.73
C LEU A 209 -6.31 1.01 -19.33
N GLU A 210 -6.31 1.31 -18.01
CA GLU A 210 -7.09 2.45 -17.54
C GLU A 210 -6.63 3.72 -18.25
N ALA A 211 -5.31 3.92 -18.30
CA ALA A 211 -4.75 5.10 -18.91
C ALA A 211 -5.01 5.13 -20.43
N VAL A 212 -4.76 4.04 -21.15
CA VAL A 212 -4.81 4.08 -22.60
C VAL A 212 -6.26 4.10 -23.08
N LEU A 213 -7.14 3.35 -22.42
CA LEU A 213 -8.51 3.26 -22.91
C LEU A 213 -9.37 4.42 -22.42
N PHE A 214 -9.08 4.98 -21.22
CA PHE A 214 -9.98 5.90 -20.54
C PHE A 214 -9.30 7.25 -20.22
N LEU A 215 -8.31 7.28 -19.33
CA LEU A 215 -7.84 8.54 -18.79
C LEU A 215 -7.18 9.44 -19.86
N LEU A 216 -6.28 8.92 -20.70
CA LEU A 216 -5.58 9.77 -21.67
C LEU A 216 -6.52 10.30 -22.73
N PRO A 217 -7.34 9.47 -23.42
CA PRO A 217 -8.29 10.01 -24.38
C PRO A 217 -9.22 11.08 -23.79
N TRP A 218 -9.72 10.85 -22.58
CA TRP A 218 -10.53 11.78 -21.81
C TRP A 218 -9.82 13.09 -21.46
N SER A 219 -8.61 13.02 -20.89
CA SER A 219 -7.86 14.21 -20.51
C SER A 219 -7.46 15.04 -21.75
N PHE A 220 -7.32 14.39 -22.89
CA PHE A 220 -6.94 15.07 -24.12
C PHE A 220 -8.15 15.65 -24.87
N GLY A 221 -9.40 15.32 -24.47
CA GLY A 221 -10.60 15.82 -25.12
C GLY A 221 -11.25 14.82 -26.10
N LEU A 222 -10.66 13.63 -26.28
CA LEU A 222 -11.12 12.72 -27.32
C LEU A 222 -12.44 12.03 -26.91
N VAL A 223 -12.73 11.90 -25.61
CA VAL A 223 -14.03 11.45 -25.11
C VAL A 223 -14.52 12.44 -24.04
N GLU A 224 -15.84 12.56 -23.90
CA GLU A 224 -16.45 13.48 -22.95
C GLU A 224 -16.40 12.96 -21.50
N GLY A 225 -16.60 11.65 -21.34
CA GLY A 225 -16.72 11.06 -20.01
C GLY A 225 -15.90 9.79 -19.82
N VAL A 226 -15.86 9.34 -18.56
CA VAL A 226 -15.29 8.06 -18.22
C VAL A 226 -16.24 7.39 -17.21
N ASP A 227 -16.38 6.07 -17.35
CA ASP A 227 -17.14 5.28 -16.41
C ASP A 227 -16.33 5.10 -15.14
N PRO A 228 -16.78 5.64 -13.98
CA PRO A 228 -15.98 5.63 -12.75
C PRO A 228 -15.79 4.25 -12.12
N LEU A 229 -16.79 3.39 -12.24
CA LEU A 229 -16.66 2.03 -11.73
C LEU A 229 -15.61 1.24 -12.53
N VAL A 230 -15.59 1.38 -13.85
CA VAL A 230 -14.64 0.57 -14.62
C VAL A 230 -13.22 1.12 -14.41
N ALA A 231 -13.10 2.45 -14.30
CA ALA A 231 -11.83 3.07 -14.03
C ALA A 231 -11.24 2.54 -12.72
N ARG A 232 -12.06 2.54 -11.66
CA ARG A 232 -11.60 2.12 -10.34
C ARG A 232 -11.23 0.63 -10.34
N THR A 233 -12.04 -0.19 -11.03
CA THR A 233 -11.78 -1.63 -11.09
C THR A 233 -10.43 -1.88 -11.77
N LEU A 234 -10.16 -1.16 -12.86
CA LEU A 234 -8.91 -1.36 -13.57
C LEU A 234 -7.79 -0.81 -12.71
N PHE A 235 -8.07 0.31 -12.02
CA PHE A 235 -7.07 0.90 -11.15
C PHE A 235 -6.59 -0.11 -10.10
N TRP A 236 -7.54 -0.77 -9.44
CA TRP A 236 -7.17 -1.63 -8.33
C TRP A 236 -6.70 -3.00 -8.78
N TRP A 237 -6.90 -3.36 -10.05
CA TRP A 237 -6.13 -4.47 -10.61
C TRP A 237 -4.64 -4.22 -10.35
N THR A 238 -4.14 -3.02 -10.68
CA THR A 238 -2.75 -2.64 -10.44
C THR A 238 -2.49 -2.29 -8.98
N GLY A 239 -3.51 -1.74 -8.31
CA GLY A 239 -3.35 -1.01 -7.06
C GLY A 239 -3.07 -1.92 -5.86
N HIS A 240 -3.54 -3.18 -5.87
CA HIS A 240 -3.08 -4.12 -4.83
C HIS A 240 -1.62 -4.49 -5.09
N PRO A 241 -1.29 -5.18 -6.20
CA PRO A 241 0.08 -5.60 -6.46
C PRO A 241 1.16 -4.52 -6.50
N ILE A 242 0.80 -3.24 -6.75
CA ILE A 242 1.79 -2.19 -6.65
C ILE A 242 2.38 -2.11 -5.23
N VAL A 243 1.64 -2.53 -4.19
CA VAL A 243 2.20 -2.47 -2.84
C VAL A 243 3.21 -3.59 -2.65
N TYR A 244 2.95 -4.76 -3.29
CA TYR A 244 3.88 -5.87 -3.28
C TYR A 244 5.11 -5.51 -4.11
N PHE A 245 4.91 -4.78 -5.20
CA PHE A 245 6.02 -4.25 -5.97
C PHE A 245 6.87 -3.31 -5.10
N TRP A 246 6.23 -2.48 -4.25
CA TRP A 246 6.99 -1.67 -3.31
C TRP A 246 7.75 -2.53 -2.29
N LEU A 247 7.11 -3.60 -1.82
CA LEU A 247 7.59 -4.38 -0.70
C LEU A 247 8.75 -5.30 -1.09
N LEU A 248 8.66 -5.95 -2.25
CA LEU A 248 9.53 -7.08 -2.56
C LEU A 248 11.01 -6.69 -2.74
N PRO A 249 11.38 -5.47 -3.18
CA PRO A 249 12.79 -5.06 -3.12
C PRO A 249 13.39 -5.06 -1.70
N ALA A 250 12.57 -4.69 -0.71
CA ALA A 250 12.98 -4.63 0.69
C ALA A 250 13.11 -6.06 1.23
N TYR A 251 12.21 -6.94 0.81
CA TYR A 251 12.31 -8.36 1.11
C TYR A 251 13.56 -8.99 0.49
N ALA A 252 13.92 -8.56 -0.73
CA ALA A 252 15.13 -9.07 -1.37
C ALA A 252 16.34 -8.78 -0.47
N ILE A 253 16.45 -7.55 0.02
CA ILE A 253 17.52 -7.13 0.94
C ILE A 253 17.42 -7.90 2.26
N ILE A 254 16.21 -7.95 2.81
CA ILE A 254 15.97 -8.58 4.09
C ILE A 254 16.34 -10.07 4.05
N TYR A 255 16.06 -10.74 2.92
CA TYR A 255 16.38 -12.15 2.79
C TYR A 255 17.85 -12.39 2.44
N THR A 256 18.44 -11.57 1.54
CA THR A 256 19.70 -12.00 0.94
C THR A 256 20.89 -11.13 1.35
N ILE A 257 20.67 -10.08 2.16
CA ILE A 257 21.78 -9.22 2.61
C ILE A 257 21.75 -9.03 4.13
N LEU A 258 20.59 -8.67 4.70
CA LEU A 258 20.48 -8.41 6.13
C LEU A 258 21.02 -9.56 7.00
N PRO A 259 20.80 -10.86 6.68
CA PRO A 259 21.35 -11.93 7.52
C PRO A 259 22.86 -11.83 7.68
N LYS A 260 23.57 -11.39 6.62
CA LYS A 260 25.01 -11.19 6.69
C LYS A 260 25.34 -9.98 7.57
N GLN A 261 24.59 -8.89 7.43
CA GLN A 261 24.81 -7.72 8.27
C GLN A 261 24.47 -8.02 9.73
N ALA A 262 23.54 -8.95 9.97
CA ALA A 262 23.20 -9.35 11.33
C ALA A 262 24.31 -10.17 12.00
N GLY A 263 25.22 -10.73 11.19
CA GLY A 263 26.20 -11.69 11.68
C GLY A 263 25.81 -13.15 11.43
N GLY A 264 24.82 -13.43 10.59
CA GLY A 264 24.30 -14.77 10.44
C GLY A 264 24.25 -15.23 8.97
N LYS A 265 23.25 -16.06 8.66
CA LYS A 265 23.04 -16.63 7.34
C LYS A 265 21.56 -16.76 7.08
N LEU A 266 21.18 -16.77 5.80
CA LEU A 266 19.80 -17.11 5.46
C LEU A 266 19.56 -18.58 5.85
N VAL A 267 18.48 -18.87 6.57
CA VAL A 267 18.26 -20.22 7.08
C VAL A 267 17.55 -21.12 6.06
N SER A 268 16.95 -20.56 5.00
CA SER A 268 16.39 -21.41 3.95
C SER A 268 16.25 -20.66 2.63
N ASP A 269 17.01 -21.12 1.63
CA ASP A 269 16.87 -20.68 0.26
C ASP A 269 15.47 -21.09 -0.25
N PRO A 270 15.04 -22.36 -0.16
CA PRO A 270 13.73 -22.72 -0.71
C PRO A 270 12.52 -21.97 -0.10
N MET A 271 12.55 -21.70 1.22
CA MET A 271 11.46 -20.98 1.84
C MET A 271 11.44 -19.55 1.31
N ALA A 272 12.60 -19.00 0.95
CA ALA A 272 12.65 -17.66 0.41
C ALA A 272 12.05 -17.64 -1.00
N ARG A 273 12.43 -18.63 -1.81
CA ARG A 273 11.89 -18.75 -3.14
C ARG A 273 10.38 -18.89 -3.09
N LEU A 274 9.88 -19.70 -2.17
CA LEU A 274 8.47 -20.03 -2.11
C LEU A 274 7.65 -18.79 -1.79
N ALA A 275 8.17 -17.92 -0.91
CA ALA A 275 7.47 -16.69 -0.55
C ALA A 275 7.26 -15.85 -1.80
N PHE A 276 8.35 -15.67 -2.57
CA PHE A 276 8.30 -14.87 -3.80
C PHE A 276 7.39 -15.49 -4.86
N LEU A 277 7.39 -16.83 -4.99
CA LEU A 277 6.56 -17.50 -5.98
C LEU A 277 5.08 -17.27 -5.62
N LEU A 278 4.75 -17.35 -4.33
CA LEU A 278 3.37 -17.10 -3.91
C LEU A 278 2.98 -15.64 -4.21
N PHE A 279 3.93 -14.70 -4.07
CA PHE A 279 3.69 -13.31 -4.44
C PHE A 279 3.35 -13.18 -5.92
N LEU A 280 4.03 -13.92 -6.77
CA LEU A 280 3.76 -13.89 -8.20
C LEU A 280 2.36 -14.43 -8.49
N LEU A 281 1.91 -15.42 -7.73
CA LEU A 281 0.65 -16.07 -8.06
C LEU A 281 -0.51 -15.29 -7.46
N LEU A 282 -0.30 -14.63 -6.31
CA LEU A 282 -1.42 -14.13 -5.53
C LEU A 282 -1.48 -12.60 -5.41
N SER A 283 -0.49 -11.83 -5.90
CA SER A 283 -0.49 -10.38 -5.70
C SER A 283 -1.58 -9.68 -6.51
N THR A 284 -1.90 -10.21 -7.70
CA THR A 284 -2.69 -9.46 -8.66
C THR A 284 -4.20 -9.76 -8.52
N PRO A 285 -4.66 -11.00 -8.25
CA PRO A 285 -6.09 -11.30 -8.35
C PRO A 285 -6.97 -10.96 -7.14
N VAL A 286 -6.69 -9.82 -6.46
CA VAL A 286 -7.19 -9.60 -5.12
C VAL A 286 -7.80 -8.19 -4.94
N GLY A 287 -7.82 -7.35 -5.99
CA GLY A 287 -8.03 -5.92 -5.87
C GLY A 287 -9.42 -5.50 -5.45
N PHE A 288 -10.41 -6.39 -5.58
CA PHE A 288 -11.73 -6.08 -5.06
C PHE A 288 -11.71 -5.81 -3.55
N HIS A 289 -10.64 -6.17 -2.83
CA HIS A 289 -10.55 -5.80 -1.41
C HIS A 289 -10.35 -4.30 -1.20
N HIS A 290 -10.08 -3.56 -2.29
CA HIS A 290 -10.19 -2.10 -2.30
C HIS A 290 -11.55 -1.63 -2.79
N GLN A 291 -12.47 -2.56 -3.11
CA GLN A 291 -13.76 -2.15 -3.66
C GLN A 291 -14.91 -2.72 -2.86
N PHE A 292 -14.70 -3.06 -1.59
CA PHE A 292 -15.76 -3.69 -0.80
C PHE A 292 -16.97 -2.77 -0.67
N ALA A 293 -16.69 -1.46 -0.62
CA ALA A 293 -17.73 -0.45 -0.49
C ALA A 293 -18.21 0.07 -1.84
N ASP A 294 -17.90 -0.64 -2.95
CA ASP A 294 -18.27 -0.17 -4.29
C ASP A 294 -19.57 -0.82 -4.73
N PRO A 295 -20.48 -0.07 -5.37
CA PRO A 295 -21.65 -0.65 -6.01
C PRO A 295 -21.25 -1.40 -7.29
N GLY A 296 -22.10 -2.31 -7.75
CA GLY A 296 -21.98 -2.87 -9.09
C GLY A 296 -20.89 -3.93 -9.25
N ILE A 297 -20.31 -4.39 -8.13
CA ILE A 297 -19.48 -5.58 -8.11
C ILE A 297 -20.19 -6.60 -7.24
N ASP A 298 -20.19 -7.85 -7.71
CA ASP A 298 -20.97 -8.89 -7.06
C ASP A 298 -20.35 -9.25 -5.71
N PRO A 299 -21.16 -9.36 -4.66
CA PRO A 299 -20.66 -9.79 -3.36
C PRO A 299 -19.95 -11.14 -3.28
N THR A 300 -20.27 -12.05 -4.21
CA THR A 300 -19.61 -13.34 -4.27
C THR A 300 -18.17 -13.13 -4.74
N TRP A 301 -17.98 -12.28 -5.74
CA TRP A 301 -16.66 -11.91 -6.18
C TRP A 301 -15.87 -11.21 -5.06
N LYS A 302 -16.55 -10.39 -4.27
CA LYS A 302 -15.87 -9.73 -3.15
C LYS A 302 -15.35 -10.77 -2.17
N MET A 303 -16.18 -11.79 -1.89
CA MET A 303 -15.79 -12.82 -0.95
C MET A 303 -14.64 -13.67 -1.52
N ILE A 304 -14.71 -14.03 -2.81
CA ILE A 304 -13.60 -14.68 -3.46
C ILE A 304 -12.30 -13.87 -3.33
N HIS A 305 -12.32 -12.57 -3.63
CA HIS A 305 -11.10 -11.76 -3.52
C HIS A 305 -10.63 -11.63 -2.07
N SER A 306 -11.54 -11.55 -1.11
CA SER A 306 -11.21 -11.55 0.32
C SER A 306 -10.40 -12.79 0.70
N VAL A 307 -10.89 -13.97 0.30
CA VAL A 307 -10.24 -15.23 0.60
C VAL A 307 -8.84 -15.26 -0.03
N LEU A 308 -8.73 -14.81 -1.30
CA LEU A 308 -7.46 -14.80 -1.98
C LEU A 308 -6.52 -13.79 -1.31
N THR A 309 -7.05 -12.71 -0.72
CA THR A 309 -6.26 -11.69 -0.03
C THR A 309 -5.68 -12.29 1.25
N LEU A 310 -6.48 -13.01 2.03
CA LEU A 310 -5.93 -13.73 3.17
C LEU A 310 -4.85 -14.75 2.77
N PHE A 311 -5.00 -15.39 1.60
CA PHE A 311 -3.95 -16.28 1.13
C PHE A 311 -2.68 -15.48 0.84
N VAL A 312 -2.78 -14.28 0.27
CA VAL A 312 -1.58 -13.53 -0.09
C VAL A 312 -0.86 -13.05 1.19
N ALA A 313 -1.51 -13.16 2.35
CA ALA A 313 -0.86 -12.87 3.63
C ALA A 313 0.16 -13.95 3.94
N VAL A 314 -0.07 -15.16 3.40
CA VAL A 314 0.69 -16.32 3.82
C VAL A 314 2.18 -16.11 3.55
N PRO A 315 2.62 -15.69 2.35
CA PRO A 315 4.03 -15.44 2.10
C PRO A 315 4.73 -14.49 3.08
N SER A 316 4.03 -13.52 3.65
CA SER A 316 4.61 -12.67 4.69
C SER A 316 4.57 -13.34 6.06
N LEU A 317 3.55 -14.17 6.32
CA LEU A 317 3.57 -14.99 7.53
C LEU A 317 4.80 -15.91 7.49
N MET A 318 5.10 -16.43 6.32
CA MET A 318 6.25 -17.31 6.15
C MET A 318 7.53 -16.48 6.32
N THR A 319 7.58 -15.31 5.69
CA THR A 319 8.72 -14.41 5.77
C THR A 319 9.05 -14.08 7.23
N ALA A 320 8.00 -13.81 8.03
CA ALA A 320 8.19 -13.47 9.42
C ALA A 320 9.03 -14.53 10.15
N PHE A 321 8.72 -15.81 9.92
CA PHE A 321 9.44 -16.88 10.59
C PHE A 321 10.82 -17.06 9.97
N THR A 322 10.94 -17.08 8.63
CA THR A 322 12.21 -17.31 8.00
C THR A 322 13.21 -16.25 8.44
N VAL A 323 12.77 -15.00 8.39
CA VAL A 323 13.61 -13.88 8.79
C VAL A 323 13.90 -13.88 10.29
N ALA A 324 12.88 -14.10 11.14
CA ALA A 324 13.10 -14.09 12.59
C ALA A 324 14.15 -15.14 12.98
N ALA A 325 14.03 -16.32 12.36
CA ALA A 325 14.91 -17.44 12.64
C ALA A 325 16.33 -17.14 12.17
N SER A 326 16.47 -16.42 11.04
CA SER A 326 17.79 -16.01 10.58
C SER A 326 18.43 -15.01 11.54
N LEU A 327 17.65 -14.06 12.08
CA LEU A 327 18.18 -13.09 13.01
C LEU A 327 18.60 -13.79 14.32
N GLU A 328 17.74 -14.70 14.81
CA GLU A 328 18.01 -15.46 16.02
C GLU A 328 19.34 -16.21 15.88
N PHE A 329 19.46 -16.93 14.76
CA PHE A 329 20.67 -17.66 14.44
C PHE A 329 21.89 -16.74 14.49
N ALA A 330 21.75 -15.54 13.93
CA ALA A 330 22.79 -14.54 13.89
C ALA A 330 23.20 -14.16 15.30
N GLY A 331 22.20 -13.88 16.15
CA GLY A 331 22.43 -13.45 17.52
C GLY A 331 23.06 -14.54 18.40
N ARG A 332 22.73 -15.81 18.10
CA ARG A 332 23.34 -16.92 18.82
C ARG A 332 24.80 -17.07 18.40
N LEU A 333 25.07 -16.89 17.13
CA LEU A 333 26.42 -16.93 16.62
C LEU A 333 27.28 -15.90 17.34
N ARG A 334 26.69 -14.73 17.63
CA ARG A 334 27.38 -13.61 18.25
C ARG A 334 27.34 -13.72 19.77
N GLY A 335 26.87 -14.86 20.30
CA GLY A 335 27.00 -15.20 21.71
C GLY A 335 25.74 -15.00 22.54
N GLY A 336 24.62 -14.58 21.92
CA GLY A 336 23.40 -14.33 22.68
C GLY A 336 22.71 -15.62 23.12
N ARG A 337 22.26 -15.69 24.37
CA ARG A 337 21.76 -16.94 24.92
C ARG A 337 20.53 -16.63 25.76
N GLY A 338 19.62 -17.62 25.87
CA GLY A 338 18.29 -17.39 26.40
C GLY A 338 17.32 -17.00 25.28
N LEU A 339 16.16 -16.46 25.66
CA LEU A 339 15.07 -16.17 24.73
C LEU A 339 15.11 -14.71 24.24
N PHE A 340 15.85 -13.83 24.93
CA PHE A 340 16.02 -12.42 24.56
C PHE A 340 17.48 -12.06 24.29
N GLY A 341 18.43 -12.89 24.76
CA GLY A 341 19.85 -12.60 24.60
C GLY A 341 20.28 -12.50 23.13
N TRP A 342 19.61 -13.27 22.25
CA TRP A 342 19.92 -13.19 20.82
C TRP A 342 19.59 -11.80 20.26
N ILE A 343 18.66 -11.07 20.85
CA ILE A 343 18.30 -9.74 20.36
C ILE A 343 19.42 -8.76 20.68
N ARG A 344 19.85 -8.77 21.94
CA ARG A 344 20.86 -7.84 22.45
C ARG A 344 22.18 -8.03 21.72
N ALA A 345 22.42 -9.24 21.20
CA ALA A 345 23.71 -9.61 20.65
C ALA A 345 23.86 -9.12 19.21
N LEU A 346 22.82 -8.58 18.58
CA LEU A 346 22.89 -8.21 17.18
C LEU A 346 23.59 -6.85 17.01
N PRO A 347 23.98 -6.47 15.77
CA PRO A 347 24.72 -5.22 15.56
C PRO A 347 23.86 -3.94 15.53
N TRP A 348 23.36 -3.59 16.72
CA TRP A 348 22.51 -2.42 16.89
C TRP A 348 23.25 -1.09 16.71
N ASP A 349 24.57 -1.16 16.48
CA ASP A 349 25.44 -0.03 16.23
C ASP A 349 25.47 0.27 14.72
N ASN A 350 24.91 -0.62 13.89
CA ASN A 350 25.01 -0.47 12.44
C ASN A 350 23.64 -0.08 11.88
N PRO A 351 23.50 1.16 11.33
CA PRO A 351 22.21 1.63 10.80
C PRO A 351 21.60 0.80 9.66
N ALA A 352 22.45 0.20 8.85
CA ALA A 352 22.05 -0.69 7.78
C ALA A 352 21.36 -1.95 8.31
N PHE A 353 21.77 -2.38 9.51
CA PHE A 353 21.13 -3.49 10.20
C PHE A 353 19.84 -3.03 10.88
N VAL A 354 19.91 -1.90 11.58
CA VAL A 354 18.84 -1.43 12.44
C VAL A 354 17.58 -1.06 11.62
N ALA A 355 17.76 -0.38 10.47
CA ALA A 355 16.66 0.25 9.76
C ALA A 355 15.59 -0.77 9.34
N PRO A 356 15.95 -1.87 8.60
CA PRO A 356 15.00 -2.92 8.27
C PRO A 356 14.46 -3.72 9.46
N VAL A 357 15.27 -3.91 10.50
CA VAL A 357 14.80 -4.63 11.67
C VAL A 357 13.69 -3.86 12.38
N LEU A 358 13.83 -2.54 12.50
CA LEU A 358 12.76 -1.70 13.02
C LEU A 358 11.56 -1.69 12.06
N GLY A 359 11.79 -1.49 10.77
CA GLY A 359 10.74 -1.73 9.78
C GLY A 359 9.90 -2.99 10.05
N LEU A 360 10.56 -4.12 10.30
CA LEU A 360 9.89 -5.40 10.48
C LEU A 360 9.08 -5.45 11.77
N LEU A 361 9.51 -4.72 12.80
CA LEU A 361 8.71 -4.68 14.01
C LEU A 361 7.38 -3.98 13.79
N GLY A 362 7.40 -2.84 13.09
CA GLY A 362 6.15 -2.12 12.80
C GLY A 362 5.27 -2.86 11.80
N PHE A 363 5.91 -3.73 11.02
CA PHE A 363 5.19 -4.57 10.09
C PHE A 363 4.29 -5.52 10.86
N ILE A 364 4.52 -5.72 12.17
CA ILE A 364 3.65 -6.64 12.90
C ILE A 364 2.25 -6.02 13.01
N PRO A 365 2.07 -4.86 13.66
CA PRO A 365 0.76 -4.24 13.66
C PRO A 365 0.29 -3.84 12.25
N GLY A 366 1.23 -3.53 11.35
CA GLY A 366 0.87 -3.15 9.98
C GLY A 366 0.14 -4.29 9.25
N GLY A 367 0.67 -5.49 9.35
CA GLY A 367 0.08 -6.65 8.70
C GLY A 367 -1.22 -7.11 9.34
N ALA A 368 -1.30 -7.03 10.67
CA ALA A 368 -2.52 -7.25 11.42
C ALA A 368 -3.63 -6.33 10.93
N GLY A 369 -3.33 -5.04 10.72
CA GLY A 369 -4.27 -4.07 10.18
C GLY A 369 -4.72 -4.49 8.79
N GLY A 370 -3.77 -4.92 7.95
CA GLY A 370 -4.10 -5.43 6.62
C GLY A 370 -5.08 -6.61 6.68
N ILE A 371 -4.82 -7.60 7.53
CA ILE A 371 -5.70 -8.76 7.62
C ILE A 371 -7.13 -8.36 7.99
N VAL A 372 -7.29 -7.42 8.92
CA VAL A 372 -8.61 -6.85 9.21
C VAL A 372 -9.25 -6.30 7.93
N ASN A 373 -8.48 -5.44 7.22
CA ASN A 373 -8.97 -4.75 6.04
C ASN A 373 -9.49 -5.75 5.00
N ALA A 374 -8.83 -6.90 4.92
CA ALA A 374 -9.08 -7.92 3.94
C ALA A 374 -10.42 -8.63 4.17
N SER A 375 -10.93 -8.55 5.39
CA SER A 375 -11.98 -9.43 5.89
C SER A 375 -13.40 -8.92 5.55
N PHE A 376 -13.57 -8.42 4.32
CA PHE A 376 -14.84 -8.06 3.68
C PHE A 376 -15.67 -7.16 4.58
N THR A 377 -16.57 -7.75 5.39
CA THR A 377 -17.50 -6.98 6.20
C THR A 377 -16.75 -6.14 7.23
N LEU A 378 -15.63 -6.62 7.77
CA LEU A 378 -14.90 -5.82 8.75
C LEU A 378 -14.41 -4.52 8.10
N ASP A 379 -14.26 -4.50 6.76
CA ASP A 379 -13.78 -3.31 6.07
C ASP A 379 -14.76 -2.14 6.21
N TYR A 380 -16.05 -2.42 6.47
CA TYR A 380 -17.02 -1.37 6.68
C TYR A 380 -16.78 -0.60 7.96
N VAL A 381 -16.08 -1.21 8.95
CA VAL A 381 -15.70 -0.49 10.14
C VAL A 381 -14.67 0.59 9.80
N VAL A 382 -13.71 0.30 8.92
CA VAL A 382 -12.49 1.08 8.84
C VAL A 382 -12.34 1.79 7.49
N HIS A 383 -13.12 1.41 6.46
CA HIS A 383 -12.95 1.91 5.12
C HIS A 383 -13.01 3.44 5.07
N ASN A 384 -12.00 4.03 4.46
CA ASN A 384 -11.90 5.45 4.17
C ASN A 384 -11.79 6.25 5.45
N THR A 385 -11.37 5.59 6.54
CA THR A 385 -11.05 6.27 7.80
C THR A 385 -9.54 6.40 7.95
N ALA A 386 -9.12 7.17 8.95
CA ALA A 386 -7.71 7.35 9.28
C ALA A 386 -6.98 6.05 9.62
N TRP A 387 -7.73 4.97 9.88
CA TRP A 387 -7.18 3.64 10.07
C TRP A 387 -6.30 3.23 8.88
N VAL A 388 -6.78 3.53 7.68
CA VAL A 388 -6.15 3.05 6.48
C VAL A 388 -4.77 3.68 6.37
N PRO A 389 -4.61 5.01 6.43
CA PRO A 389 -3.24 5.53 6.49
C PRO A 389 -2.41 5.05 7.69
N GLY A 390 -3.06 4.72 8.82
CA GLY A 390 -2.34 4.15 9.94
C GLY A 390 -1.67 2.82 9.58
N HIS A 391 -2.43 1.97 8.89
CA HIS A 391 -1.97 0.71 8.34
C HIS A 391 -0.78 0.95 7.44
N PHE A 392 -0.99 1.71 6.36
CA PHE A 392 -0.02 1.72 5.28
C PHE A 392 1.26 2.49 5.63
N HIS A 393 1.24 3.40 6.61
CA HIS A 393 2.48 4.03 7.01
C HIS A 393 3.38 3.00 7.70
N LEU A 394 2.80 2.02 8.38
CA LEU A 394 3.59 0.95 8.95
C LEU A 394 4.20 0.08 7.85
N GLN A 395 3.53 -0.04 6.70
CA GLN A 395 3.99 -0.94 5.65
C GLN A 395 5.00 -0.24 4.74
N VAL A 396 4.58 0.83 4.09
CA VAL A 396 5.43 1.43 3.07
C VAL A 396 6.25 2.60 3.63
N ALA A 397 5.67 3.47 4.47
CA ALA A 397 6.41 4.64 4.95
C ALA A 397 7.35 4.30 6.10
N SER A 398 7.24 3.07 6.62
CA SER A 398 8.15 2.56 7.65
C SER A 398 9.05 1.44 7.13
N LEU A 399 8.57 0.18 6.99
CA LEU A 399 9.41 -0.93 6.54
C LEU A 399 10.11 -0.65 5.18
N VAL A 400 9.37 -0.29 4.13
CA VAL A 400 10.04 -0.13 2.85
C VAL A 400 11.00 1.06 2.92
N THR A 401 10.53 2.17 3.51
CA THR A 401 11.31 3.40 3.52
C THR A 401 12.57 3.20 4.34
N LEU A 402 12.42 2.53 5.49
CA LEU A 402 13.54 2.33 6.40
C LEU A 402 14.56 1.42 5.74
N THR A 403 14.09 0.43 4.98
CA THR A 403 15.01 -0.45 4.30
C THR A 403 15.80 0.35 3.26
N ALA A 404 15.12 1.18 2.47
CA ALA A 404 15.81 2.09 1.58
C ALA A 404 16.78 3.02 2.33
N MET A 405 16.42 3.52 3.50
CA MET A 405 17.33 4.42 4.21
C MET A 405 18.56 3.67 4.68
N GLY A 406 18.39 2.42 5.13
CA GLY A 406 19.50 1.55 5.50
C GLY A 406 20.54 1.39 4.38
N SER A 407 20.09 1.44 3.12
CA SER A 407 20.89 1.17 1.93
C SER A 407 21.85 2.32 1.66
N LEU A 408 21.56 3.50 2.20
CA LEU A 408 22.50 4.61 2.22
C LEU A 408 23.84 4.15 2.81
N TYR A 409 23.81 3.18 3.75
CA TYR A 409 24.96 2.90 4.61
C TYR A 409 25.72 1.68 4.11
N TRP A 410 25.16 0.93 3.13
CA TRP A 410 25.95 -0.12 2.48
C TRP A 410 25.95 0.01 0.94
N LEU A 411 24.81 0.37 0.32
CA LEU A 411 24.71 0.37 -1.13
C LEU A 411 25.36 1.63 -1.73
N LEU A 412 25.16 2.79 -1.14
CA LEU A 412 25.72 3.99 -1.70
C LEU A 412 27.25 3.92 -1.75
N PRO A 413 27.96 3.56 -0.67
CA PRO A 413 29.41 3.35 -0.75
C PRO A 413 29.84 2.37 -1.85
N ASN A 414 29.09 1.28 -1.99
CA ASN A 414 29.35 0.31 -3.05
C ASN A 414 29.19 0.96 -4.44
N LEU A 415 28.32 1.98 -4.59
CA LEU A 415 28.09 2.56 -5.90
C LEU A 415 29.02 3.74 -6.20
N THR A 416 29.62 4.38 -5.18
CA THR A 416 30.27 5.67 -5.36
C THR A 416 31.70 5.70 -4.80
N GLY A 417 31.98 4.83 -3.84
CA GLY A 417 33.26 4.83 -3.14
C GLY A 417 33.30 5.88 -2.02
N LYS A 418 32.16 6.53 -1.75
CA LYS A 418 32.13 7.55 -0.71
C LYS A 418 31.97 6.84 0.63
N PRO A 419 32.87 7.15 1.60
CA PRO A 419 32.88 6.44 2.88
C PRO A 419 31.84 6.98 3.86
N ILE A 420 31.48 6.15 4.82
CA ILE A 420 30.62 6.58 5.92
C ILE A 420 31.52 6.75 7.15
N SER A 421 31.72 7.99 7.57
CA SER A 421 32.37 8.28 8.84
C SER A 421 31.55 7.76 10.01
N ASP A 422 32.24 7.61 11.13
CA ASP A 422 31.67 7.26 12.41
C ASP A 422 30.53 8.20 12.76
N ALA A 423 30.73 9.49 12.55
CA ALA A 423 29.74 10.50 12.85
C ALA A 423 28.49 10.35 11.96
N GLN A 424 28.68 10.09 10.66
CA GLN A 424 27.59 9.82 9.74
C GLN A 424 26.87 8.53 10.16
N ARG A 425 27.59 7.55 10.70
CA ARG A 425 26.96 6.30 11.10
C ARG A 425 26.01 6.53 12.29
N ARG A 426 26.50 7.32 13.26
CA ARG A 426 25.72 7.63 14.44
C ARG A 426 24.49 8.44 14.07
N LEU A 427 24.66 9.46 13.22
CA LEU A 427 23.56 10.27 12.75
C LEU A 427 22.48 9.38 12.09
N GLY A 428 22.92 8.44 11.26
CA GLY A 428 22.02 7.52 10.60
C GLY A 428 21.22 6.67 11.58
N LEU A 429 21.85 6.28 12.69
CA LEU A 429 21.16 5.55 13.76
C LEU A 429 20.03 6.40 14.32
N ALA A 430 20.29 7.70 14.53
CA ALA A 430 19.33 8.64 15.07
C ALA A 430 18.14 8.84 14.12
N VAL A 431 18.43 9.10 12.85
CA VAL A 431 17.40 9.26 11.81
C VAL A 431 16.45 8.07 11.78
N VAL A 432 17.02 6.88 11.75
CA VAL A 432 16.29 5.64 11.58
C VAL A 432 15.43 5.39 12.81
N TRP A 433 15.97 5.66 14.00
CA TRP A 433 15.18 5.49 15.22
C TRP A 433 14.02 6.46 15.32
N LEU A 434 14.26 7.73 14.97
CA LEU A 434 13.26 8.76 15.11
C LEU A 434 12.17 8.56 14.06
N TRP A 435 12.57 8.17 12.84
CA TRP A 435 11.62 7.82 11.81
C TRP A 435 10.74 6.65 12.27
N PHE A 436 11.35 5.59 12.76
CA PHE A 436 10.59 4.44 13.25
C PHE A 436 9.66 4.89 14.36
N LEU A 437 10.18 5.63 15.35
CA LEU A 437 9.36 6.00 16.50
C LEU A 437 8.22 6.91 16.08
N GLY A 438 8.53 7.87 15.21
CA GLY A 438 7.51 8.73 14.65
C GLY A 438 6.37 7.93 14.00
N MET A 439 6.72 6.94 13.20
CA MET A 439 5.71 6.20 12.45
C MET A 439 4.85 5.38 13.40
N MET A 440 5.44 4.79 14.45
CA MET A 440 4.69 4.02 15.42
C MET A 440 3.70 4.90 16.15
N ILE A 441 4.16 6.11 16.51
CA ILE A 441 3.33 7.02 17.28
C ILE A 441 2.14 7.47 16.43
N MET A 442 2.43 7.83 15.17
CA MET A 442 1.38 8.30 14.27
C MET A 442 0.40 7.15 13.98
N ALA A 443 0.92 5.93 13.90
CA ALA A 443 0.07 4.78 13.61
C ALA A 443 -0.95 4.59 14.74
N VAL A 444 -0.56 4.90 15.97
CA VAL A 444 -1.47 4.85 17.11
C VAL A 444 -2.55 5.92 16.96
N GLY A 445 -2.12 7.17 16.74
CA GLY A 445 -3.00 8.28 16.45
C GLY A 445 -4.02 8.01 15.33
N LEU A 446 -3.57 7.48 14.17
CA LEU A 446 -4.43 7.28 13.02
C LEU A 446 -5.37 6.06 13.19
N HIS A 447 -4.86 4.94 13.75
CA HIS A 447 -5.71 3.76 13.93
C HIS A 447 -6.87 4.12 14.86
N TRP A 448 -6.55 4.85 15.91
CA TRP A 448 -7.50 5.20 16.97
C TRP A 448 -8.50 6.23 16.47
N ALA A 449 -8.01 7.32 15.85
CA ALA A 449 -8.94 8.25 15.23
C ALA A 449 -9.82 7.52 14.20
N GLY A 450 -9.21 6.60 13.44
CA GLY A 450 -9.94 5.82 12.47
C GLY A 450 -11.14 5.10 13.09
N LEU A 451 -10.89 4.43 14.22
CA LEU A 451 -11.93 3.72 14.92
C LEU A 451 -13.00 4.66 15.48
N LEU A 452 -12.64 5.96 15.68
CA LEU A 452 -13.58 7.01 16.02
C LEU A 452 -14.22 7.68 14.78
N ASN A 453 -14.05 7.08 13.61
CA ASN A 453 -14.78 7.49 12.40
C ASN A 453 -14.21 8.75 11.75
N VAL A 454 -13.03 9.17 12.17
CA VAL A 454 -12.38 10.29 11.51
C VAL A 454 -12.05 9.86 10.09
N PRO A 455 -12.50 10.61 9.08
CA PRO A 455 -12.20 10.29 7.67
C PRO A 455 -10.74 10.55 7.31
N ARG A 456 -10.26 9.74 6.37
CA ARG A 456 -8.99 10.01 5.71
C ARG A 456 -9.14 11.12 4.63
N ARG A 457 -8.01 11.61 4.17
CA ARG A 457 -7.95 12.55 3.04
C ARG A 457 -8.76 13.81 3.33
N ALA A 458 -8.69 14.31 4.57
CA ALA A 458 -9.51 15.42 5.01
C ALA A 458 -8.69 16.44 5.79
N TYR A 459 -8.92 17.72 5.45
CA TYR A 459 -8.35 18.88 6.17
C TYR A 459 -9.17 19.19 7.43
N ILE A 460 -9.13 18.25 8.39
CA ILE A 460 -9.99 18.24 9.57
C ILE A 460 -9.62 19.38 10.56
N ALA A 461 -8.39 19.89 10.53
CA ALA A 461 -8.04 21.05 11.35
C ALA A 461 -8.79 22.31 10.90
N GLN A 462 -9.48 22.26 9.75
CA GLN A 462 -10.30 23.37 9.29
C GLN A 462 -11.74 23.22 9.78
N VAL A 463 -12.06 22.07 10.41
CA VAL A 463 -13.32 21.88 11.11
C VAL A 463 -13.00 21.38 12.50
N PRO A 464 -12.42 22.27 13.35
CA PRO A 464 -11.76 21.85 14.59
C PRO A 464 -12.66 21.31 15.69
N ASP A 465 -13.97 21.53 15.56
CA ASP A 465 -14.96 20.99 16.49
C ASP A 465 -15.69 19.76 15.93
N ALA A 466 -15.30 19.24 14.76
CA ALA A 466 -16.06 18.17 14.14
C ALA A 466 -15.80 16.83 14.81
N TYR A 467 -14.64 16.63 15.45
CA TYR A 467 -14.23 15.33 15.98
C TYR A 467 -13.70 15.47 17.41
N PRO A 468 -14.55 15.92 18.39
CA PRO A 468 -14.12 16.09 19.79
C PRO A 468 -13.66 14.81 20.49
N HIS A 469 -14.34 13.72 20.22
CA HIS A 469 -13.96 12.40 20.77
C HIS A 469 -12.56 11.95 20.35
N ALA A 470 -11.93 12.56 19.32
CA ALA A 470 -10.61 12.09 18.91
C ALA A 470 -9.50 12.92 19.53
N ALA A 471 -9.82 13.70 20.57
CA ALA A 471 -8.85 14.58 21.21
C ALA A 471 -7.58 13.84 21.66
N VAL A 472 -7.70 12.65 22.22
CA VAL A 472 -6.52 11.96 22.71
C VAL A 472 -5.65 11.47 21.55
N PRO A 473 -6.15 10.63 20.62
CA PRO A 473 -5.32 10.24 19.48
C PRO A 473 -4.74 11.44 18.74
N MET A 474 -5.46 12.57 18.72
CA MET A 474 -4.93 13.76 18.07
C MET A 474 -3.60 14.25 18.63
N VAL A 475 -3.38 14.08 19.92
CA VAL A 475 -2.10 14.42 20.55
C VAL A 475 -0.97 13.57 19.97
N PHE A 476 -1.24 12.27 19.76
CA PHE A 476 -0.28 11.38 19.15
C PHE A 476 0.16 11.90 17.79
N ASN A 477 -0.78 12.50 17.06
CA ASN A 477 -0.55 12.91 15.69
C ASN A 477 0.34 14.15 15.68
N VAL A 478 0.10 15.06 16.64
CA VAL A 478 0.93 16.25 16.79
C VAL A 478 2.37 15.83 17.07
N LEU A 479 2.52 14.94 18.05
CA LEU A 479 3.82 14.46 18.47
C LEU A 479 4.55 13.74 17.34
N ALA A 480 3.87 12.83 16.63
CA ALA A 480 4.45 12.21 15.43
C ALA A 480 4.90 13.27 14.42
N GLY A 481 4.02 14.25 14.17
CA GLY A 481 4.33 15.35 13.28
C GLY A 481 5.66 16.01 13.59
N ILE A 482 5.95 16.29 14.88
CA ILE A 482 7.18 17.02 15.16
C ILE A 482 8.37 16.07 15.19
N VAL A 483 8.18 14.84 15.68
CA VAL A 483 9.26 13.86 15.65
C VAL A 483 9.68 13.58 14.21
N LEU A 484 8.71 13.34 13.32
CA LEU A 484 9.05 13.03 11.95
C LEU A 484 9.61 14.28 11.23
N LEU A 485 9.25 15.50 11.63
CA LEU A 485 9.93 16.64 11.03
C LEU A 485 11.42 16.64 11.39
N VAL A 486 11.75 16.32 12.65
CA VAL A 486 13.15 16.21 13.08
C VAL A 486 13.87 15.10 12.33
N ALA A 487 13.23 13.92 12.27
CA ALA A 487 13.81 12.81 11.53
C ALA A 487 14.11 13.22 10.09
N LEU A 488 13.17 13.88 9.44
CA LEU A 488 13.31 14.21 8.03
C LEU A 488 14.44 15.22 7.82
N LEU A 489 14.54 16.25 8.66
CA LEU A 489 15.60 17.26 8.53
C LEU A 489 16.98 16.61 8.71
N LEU A 490 17.06 15.68 9.66
CA LEU A 490 18.29 14.94 9.90
C LEU A 490 18.62 14.07 8.71
N PHE A 491 17.61 13.40 8.14
CA PHE A 491 17.82 12.57 6.96
C PHE A 491 18.35 13.40 5.80
N ILE A 492 17.80 14.60 5.61
CA ILE A 492 18.25 15.46 4.50
C ILE A 492 19.72 15.82 4.72
N TYR A 493 20.07 16.25 5.94
CA TYR A 493 21.42 16.62 6.28
C TYR A 493 22.35 15.42 6.06
N GLY A 494 21.96 14.24 6.54
CA GLY A 494 22.81 13.06 6.39
C GLY A 494 23.05 12.66 4.93
N LEU A 495 21.97 12.64 4.14
CA LEU A 495 22.06 12.28 2.73
C LEU A 495 23.03 13.22 2.00
N PHE A 496 22.87 14.54 2.19
CA PHE A 496 23.72 15.48 1.49
C PHE A 496 25.15 15.46 2.03
N SER A 497 25.33 15.10 3.31
CA SER A 497 26.66 14.96 3.90
C SER A 497 27.44 13.86 3.18
N VAL A 498 26.74 12.78 2.87
CA VAL A 498 27.40 11.60 2.32
C VAL A 498 27.64 11.83 0.84
N LEU A 499 26.67 12.40 0.12
CA LEU A 499 26.75 12.52 -1.32
C LEU A 499 27.86 13.52 -1.63
N LEU A 500 27.79 14.70 -0.99
CA LEU A 500 28.64 15.83 -1.34
C LEU A 500 29.94 15.81 -0.54
N SER A 501 30.26 14.67 0.09
CA SER A 501 31.49 14.45 0.83
C SER A 501 32.72 14.69 -0.06
N ARG A 502 33.81 15.14 0.59
CA ARG A 502 35.12 15.30 -0.03
C ARG A 502 35.65 13.94 -0.49
N GLU A 503 35.88 13.06 0.49
CA GLU A 503 36.72 11.89 0.35
C GLU A 503 36.09 10.88 -0.62
N ARG A 504 36.97 10.09 -1.26
CA ARG A 504 36.56 8.93 -2.02
C ARG A 504 37.54 7.79 -1.74
N LYS A 505 37.00 6.58 -1.51
CA LYS A 505 37.80 5.38 -1.30
C LYS A 505 37.29 4.31 -2.25
N PRO A 506 37.82 4.27 -3.49
CA PRO A 506 37.34 3.35 -4.54
C PRO A 506 37.21 1.87 -4.21
N GLU A 507 38.03 1.38 -3.26
CA GLU A 507 37.92 0.01 -2.77
C GLU A 507 36.55 -0.27 -2.14
N LEU A 508 35.84 0.76 -1.68
CA LEU A 508 34.45 0.57 -1.24
C LEU A 508 33.57 0.24 -2.46
N ALA A 509 33.80 0.94 -3.59
CA ALA A 509 33.05 0.70 -4.81
C ALA A 509 33.47 -0.61 -5.48
N GLU A 510 34.57 -1.23 -5.02
CA GLU A 510 35.08 -2.45 -5.63
C GLU A 510 34.83 -3.68 -4.77
N ALA A 511 34.39 -3.46 -3.52
CA ALA A 511 34.12 -4.56 -2.60
C ALA A 511 32.92 -5.37 -3.12
N PRO A 512 32.82 -6.66 -2.78
CA PRO A 512 31.58 -7.38 -3.08
C PRO A 512 30.43 -6.81 -2.24
N LEU A 513 29.19 -6.91 -2.74
CA LEU A 513 28.00 -6.67 -1.94
C LEU A 513 27.96 -7.67 -0.79
N PRO A 514 27.40 -7.30 0.37
CA PRO A 514 27.33 -8.22 1.49
C PRO A 514 26.16 -9.20 1.41
N PHE A 515 26.15 -10.01 0.34
CA PHE A 515 25.27 -11.15 0.21
C PHE A 515 25.53 -12.17 1.31
N ALA A 516 24.45 -12.62 1.94
CA ALA A 516 24.54 -13.70 2.91
C ALA A 516 24.79 -15.04 2.26
N GLU A 517 25.39 -15.93 3.07
CA GLU A 517 25.41 -17.35 2.82
C GLU A 517 24.13 -17.98 3.37
N VAL A 518 23.84 -19.16 2.85
CA VAL A 518 22.72 -19.94 3.25
C VAL A 518 23.25 -21.02 4.18
N ILE A 519 22.49 -21.27 5.25
CA ILE A 519 22.87 -22.21 6.28
C ILE A 519 22.96 -23.59 5.63
N SER A 520 23.82 -24.45 6.21
CA SER A 520 24.02 -25.82 5.78
C SER A 520 22.82 -26.69 6.16
N GLY A 521 22.57 -27.72 5.34
CA GLY A 521 21.43 -28.61 5.47
C GLY A 521 20.84 -28.96 4.11
N PRO A 522 20.44 -30.24 3.87
CA PRO A 522 19.77 -30.65 2.62
C PRO A 522 18.29 -30.25 2.59
N GLU A 523 17.49 -30.99 1.78
CA GLU A 523 16.01 -31.02 1.79
C GLU A 523 15.46 -30.39 0.50
N ASP A 524 16.35 -29.84 -0.31
CA ASP A 524 15.97 -28.77 -1.21
C ASP A 524 15.36 -29.34 -2.50
N ARG A 525 16.20 -30.08 -3.23
CA ARG A 525 16.37 -29.86 -4.66
C ARG A 525 15.06 -29.96 -5.44
N ARG A 526 14.17 -30.86 -5.05
CA ARG A 526 12.98 -31.16 -5.82
C ARG A 526 12.04 -29.95 -5.84
N LEU A 527 11.88 -29.31 -4.69
CA LEU A 527 10.98 -28.19 -4.52
C LEU A 527 11.54 -27.02 -5.35
N VAL A 528 12.86 -26.81 -5.26
CA VAL A 528 13.56 -25.75 -5.95
C VAL A 528 13.45 -25.89 -7.47
N LEU A 529 13.48 -27.12 -7.99
CA LEU A 529 13.33 -27.38 -9.42
C LEU A 529 11.93 -27.06 -9.93
N ALA A 530 10.91 -27.52 -9.19
CA ALA A 530 9.53 -27.21 -9.52
C ALA A 530 9.31 -25.70 -9.51
N MET A 531 9.93 -24.98 -8.56
CA MET A 531 9.66 -23.56 -8.46
C MET A 531 10.35 -22.82 -9.61
N ASP A 532 11.35 -23.45 -10.24
CA ASP A 532 12.17 -22.84 -11.29
C ASP A 532 11.51 -23.00 -12.65
N ARG A 533 10.32 -23.62 -12.71
CA ARG A 533 9.53 -23.64 -13.93
C ARG A 533 8.79 -22.31 -14.09
N ILE A 534 9.55 -21.28 -14.41
CA ILE A 534 9.04 -19.92 -14.31
C ILE A 534 7.99 -19.65 -15.39
N GLY A 535 8.19 -20.18 -16.60
CA GLY A 535 7.20 -20.02 -17.67
C GLY A 535 5.84 -20.57 -17.26
N PHE A 536 5.87 -21.70 -16.55
CA PHE A 536 4.66 -22.37 -16.10
C PHE A 536 3.97 -21.56 -15.01
N TRP A 537 4.73 -21.03 -14.05
CA TRP A 537 4.11 -20.32 -12.94
C TRP A 537 3.60 -18.96 -13.41
N PHE A 538 4.27 -18.38 -14.40
CA PHE A 538 3.81 -17.17 -15.02
C PHE A 538 2.44 -17.40 -15.67
N ALA A 539 2.30 -18.48 -16.45
CA ALA A 539 1.03 -18.79 -17.07
C ALA A 539 -0.06 -18.99 -16.02
N VAL A 540 0.27 -19.64 -14.90
CA VAL A 540 -0.70 -19.84 -13.84
C VAL A 540 -1.16 -18.50 -13.28
N ALA A 541 -0.22 -17.60 -13.01
CA ALA A 541 -0.56 -16.31 -12.44
C ALA A 541 -1.55 -15.58 -13.35
N ALA A 542 -1.32 -15.64 -14.67
CA ALA A 542 -2.15 -14.91 -15.62
C ALA A 542 -3.54 -15.53 -15.70
N ILE A 543 -3.63 -16.86 -15.73
CA ILE A 543 -4.89 -17.57 -15.67
C ILE A 543 -5.67 -17.11 -14.43
N LEU A 544 -5.02 -17.08 -13.27
CA LEU A 544 -5.67 -16.67 -12.03
C LEU A 544 -6.24 -15.26 -12.15
N VAL A 545 -5.52 -14.38 -12.86
CA VAL A 545 -6.02 -13.04 -13.09
C VAL A 545 -7.27 -13.06 -13.98
N VAL A 546 -7.24 -13.85 -15.06
CA VAL A 546 -8.36 -13.94 -15.96
C VAL A 546 -9.61 -14.44 -15.22
N LEU A 547 -9.48 -15.48 -14.40
CA LEU A 547 -10.60 -15.98 -13.60
C LEU A 547 -11.10 -14.97 -12.55
N ALA A 548 -10.18 -14.26 -11.86
CA ALA A 548 -10.56 -13.39 -10.76
C ALA A 548 -11.19 -12.09 -11.27
N TYR A 549 -10.76 -11.62 -12.45
CA TYR A 549 -11.17 -10.33 -13.00
C TYR A 549 -12.08 -10.44 -14.23
N GLY A 550 -11.91 -11.48 -15.06
CA GLY A 550 -12.50 -11.50 -16.38
C GLY A 550 -14.03 -11.40 -16.37
N PRO A 551 -14.72 -12.19 -15.52
CA PRO A 551 -16.18 -12.14 -15.46
C PRO A 551 -16.72 -10.76 -15.08
N THR A 552 -16.20 -10.13 -14.01
CA THR A 552 -16.62 -8.78 -13.67
C THR A 552 -16.32 -7.82 -14.84
N LEU A 553 -15.13 -7.88 -15.40
CA LEU A 553 -14.76 -6.89 -16.39
C LEU A 553 -15.56 -7.08 -17.69
N VAL A 554 -15.86 -8.32 -18.06
CA VAL A 554 -16.74 -8.58 -19.20
C VAL A 554 -18.08 -7.88 -18.96
N GLN A 555 -18.67 -8.08 -17.77
CA GLN A 555 -19.90 -7.39 -17.45
C GLN A 555 -19.80 -5.85 -17.46
N LEU A 556 -18.74 -5.23 -16.88
CA LEU A 556 -18.69 -3.77 -16.79
C LEU A 556 -18.53 -3.14 -18.18
N PHE A 557 -17.67 -3.75 -19.00
CA PHE A 557 -17.41 -3.28 -20.35
C PHE A 557 -18.63 -3.39 -21.26
N GLY A 558 -19.58 -4.29 -20.98
CA GLY A 558 -20.81 -4.36 -21.76
C GLY A 558 -21.90 -3.40 -21.26
N HIS A 559 -21.63 -2.64 -20.19
CA HIS A 559 -22.62 -1.78 -19.59
C HIS A 559 -21.98 -0.47 -19.14
N LEU A 560 -21.06 0.06 -19.94
CA LEU A 560 -20.42 1.34 -19.68
C LEU A 560 -21.42 2.49 -19.54
N ASN A 561 -21.10 3.40 -18.61
CA ASN A 561 -21.89 4.58 -18.32
C ASN A 561 -20.93 5.75 -18.07
N PRO A 562 -20.33 6.30 -19.13
CA PRO A 562 -19.38 7.39 -18.98
C PRO A 562 -20.07 8.65 -18.49
N VAL A 563 -19.37 9.38 -17.62
CA VAL A 563 -19.95 10.58 -17.03
C VAL A 563 -18.93 11.71 -17.16
N PRO A 564 -19.41 12.96 -17.16
CA PRO A 564 -18.53 14.11 -17.31
C PRO A 564 -17.54 14.32 -16.16
N GLY A 565 -16.46 15.05 -16.51
CA GLY A 565 -15.37 15.42 -15.62
C GLY A 565 -15.60 16.72 -14.84
N TRP A 566 -15.01 16.77 -13.65
CA TRP A 566 -15.10 17.92 -12.77
C TRP A 566 -13.72 18.26 -12.23
N ARG A 567 -13.52 19.54 -12.01
CA ARG A 567 -12.40 20.09 -11.27
C ARG A 567 -12.95 20.85 -10.08
N LEU A 568 -12.90 20.27 -8.89
CA LEU A 568 -13.50 20.94 -7.73
C LEU A 568 -12.38 21.40 -6.79
N TRP A 569 -11.43 22.15 -7.35
CA TRP A 569 -10.35 22.74 -6.60
C TRP A 569 -9.88 24.00 -7.36
N VAL B 2 25.99 -31.81 13.95
CA VAL B 2 26.80 -30.56 14.01
C VAL B 2 25.84 -29.37 14.08
N ASP B 3 26.38 -28.17 14.29
CA ASP B 3 25.64 -26.97 14.71
C ASP B 3 24.60 -26.55 13.65
N GLU B 4 25.07 -26.27 12.42
CA GLU B 4 24.24 -25.64 11.41
C GLU B 4 23.16 -26.61 10.92
N HIS B 5 23.53 -27.86 10.64
CA HIS B 5 22.60 -28.89 10.18
C HIS B 5 21.48 -29.06 11.19
N LYS B 6 21.80 -29.12 12.50
CA LYS B 6 20.78 -29.36 13.51
C LYS B 6 19.86 -28.15 13.63
N ALA B 7 20.45 -26.93 13.62
CA ALA B 7 19.70 -25.69 13.68
C ALA B 7 18.76 -25.60 12.47
N HIS B 8 19.27 -25.95 11.30
CA HIS B 8 18.51 -25.91 10.06
C HIS B 8 17.29 -26.82 10.15
N LYS B 9 17.50 -28.04 10.66
CA LYS B 9 16.48 -29.07 10.75
C LYS B 9 15.36 -28.61 11.69
N ALA B 10 15.72 -28.04 12.84
CA ALA B 10 14.75 -27.63 13.84
C ALA B 10 13.96 -26.39 13.36
N ILE B 11 14.69 -25.45 12.73
CA ILE B 11 14.08 -24.26 12.17
C ILE B 11 12.95 -24.66 11.20
N LEU B 12 13.22 -25.59 10.29
CA LEU B 12 12.25 -25.98 9.27
C LEU B 12 11.06 -26.73 9.83
N ALA B 13 11.28 -27.55 10.86
CA ALA B 13 10.20 -28.33 11.45
C ALA B 13 9.19 -27.40 12.15
N TYR B 14 9.71 -26.46 12.93
CA TYR B 14 8.87 -25.52 13.63
C TYR B 14 8.22 -24.53 12.67
N GLU B 15 8.93 -24.11 11.62
CA GLU B 15 8.33 -23.24 10.62
C GLU B 15 7.07 -23.86 10.00
N LYS B 16 7.11 -25.17 9.69
CA LYS B 16 5.96 -25.87 9.12
C LYS B 16 4.78 -25.87 10.08
N GLY B 17 5.06 -26.04 11.38
CA GLY B 17 4.04 -25.90 12.41
C GLY B 17 3.42 -24.50 12.45
N TRP B 18 4.27 -23.48 12.39
CA TRP B 18 3.81 -22.10 12.33
C TRP B 18 2.87 -21.88 11.13
N LEU B 19 3.23 -22.45 9.98
CA LEU B 19 2.49 -22.23 8.76
C LEU B 19 1.13 -22.91 8.82
N ALA B 20 1.11 -24.14 9.35
CA ALA B 20 -0.17 -24.84 9.50
C ALA B 20 -1.06 -24.02 10.44
N PHE B 21 -0.48 -23.54 11.54
CA PHE B 21 -1.21 -22.74 12.51
C PHE B 21 -1.74 -21.44 11.89
N SER B 22 -0.88 -20.75 11.13
CA SER B 22 -1.22 -19.53 10.42
C SER B 22 -2.47 -19.75 9.58
N LEU B 23 -2.40 -20.81 8.77
CA LEU B 23 -3.44 -21.20 7.85
C LEU B 23 -4.73 -21.44 8.61
N ALA B 24 -4.66 -22.24 9.70
CA ALA B 24 -5.82 -22.53 10.54
C ALA B 24 -6.49 -21.21 10.94
N MET B 25 -5.70 -20.25 11.43
CA MET B 25 -6.23 -19.00 11.96
C MET B 25 -6.89 -18.15 10.86
N LEU B 26 -6.28 -18.12 9.68
CA LEU B 26 -6.84 -17.44 8.51
C LEU B 26 -8.15 -18.09 8.06
N PHE B 27 -8.23 -19.42 8.18
CA PHE B 27 -9.41 -20.16 7.77
C PHE B 27 -10.53 -19.91 8.74
N VAL B 28 -10.18 -19.71 10.02
CA VAL B 28 -11.20 -19.43 11.01
C VAL B 28 -11.75 -18.03 10.75
N PHE B 29 -10.89 -17.08 10.37
CA PHE B 29 -11.39 -15.77 9.97
C PHE B 29 -12.37 -15.89 8.81
N ILE B 30 -12.09 -16.76 7.84
CA ILE B 30 -12.98 -16.92 6.70
C ILE B 30 -14.34 -17.41 7.17
N ALA B 31 -14.36 -18.38 8.10
CA ALA B 31 -15.60 -18.87 8.67
C ALA B 31 -16.32 -17.75 9.43
N LEU B 32 -15.61 -16.94 10.19
CA LEU B 32 -16.25 -15.85 10.92
C LEU B 32 -16.78 -14.75 9.97
N ILE B 33 -16.11 -14.50 8.85
CA ILE B 33 -16.64 -13.62 7.82
C ILE B 33 -17.91 -14.23 7.20
N ALA B 34 -17.87 -15.54 6.89
CA ALA B 34 -19.02 -16.15 6.24
C ALA B 34 -20.25 -16.04 7.16
N TYR B 35 -20.06 -16.18 8.48
CA TYR B 35 -21.13 -15.96 9.44
C TYR B 35 -21.77 -14.57 9.25
N THR B 36 -20.94 -13.51 9.17
CA THR B 36 -21.46 -12.15 9.03
C THR B 36 -22.36 -12.09 7.79
N LEU B 37 -21.96 -12.76 6.70
CA LEU B 37 -22.68 -12.70 5.44
C LEU B 37 -24.04 -13.37 5.53
N ALA B 38 -24.26 -14.23 6.53
CA ALA B 38 -25.55 -14.89 6.64
C ALA B 38 -26.48 -14.14 7.62
N THR B 39 -26.01 -13.03 8.22
CA THR B 39 -26.78 -12.25 9.17
C THR B 39 -27.30 -10.94 8.58
N HIS B 40 -28.17 -10.28 9.33
CA HIS B 40 -28.73 -8.97 9.00
C HIS B 40 -27.64 -7.89 8.86
N THR B 41 -26.47 -8.07 9.50
CA THR B 41 -25.38 -7.12 9.45
C THR B 41 -24.81 -6.96 8.04
N ALA B 42 -25.09 -7.96 7.19
CA ALA B 42 -24.64 -8.01 5.81
C ALA B 42 -25.41 -7.07 4.88
N GLY B 43 -26.51 -6.49 5.38
CA GLY B 43 -27.32 -5.55 4.61
C GLY B 43 -26.52 -4.37 4.05
N VAL B 44 -25.43 -4.01 4.75
CA VAL B 44 -24.62 -2.87 4.36
C VAL B 44 -23.72 -3.18 3.18
N ILE B 45 -23.55 -4.45 2.81
CA ILE B 45 -22.88 -4.74 1.56
C ILE B 45 -23.73 -4.13 0.43
N PRO B 46 -23.15 -3.31 -0.48
CA PRO B 46 -23.87 -2.80 -1.62
C PRO B 46 -24.40 -3.92 -2.51
N ALA B 47 -25.55 -3.68 -3.14
CA ALA B 47 -26.04 -4.58 -4.16
C ALA B 47 -25.04 -4.59 -5.32
N GLY B 48 -24.85 -5.79 -5.86
CA GLY B 48 -23.90 -5.97 -6.94
C GLY B 48 -24.52 -5.68 -8.29
N LYS B 49 -25.83 -5.47 -8.34
CA LYS B 49 -26.55 -5.26 -9.58
C LYS B 49 -26.18 -3.87 -10.11
N LEU B 50 -25.87 -3.77 -11.40
CA LEU B 50 -25.64 -2.48 -12.03
C LEU B 50 -26.96 -1.73 -12.21
N GLU B 51 -27.04 -0.50 -11.70
CA GLU B 51 -28.25 0.30 -11.80
C GLU B 51 -27.82 1.68 -12.27
N ARG B 52 -27.84 1.90 -13.59
CA ARG B 52 -27.23 3.08 -14.18
C ARG B 52 -28.22 4.25 -14.20
N VAL B 53 -27.71 5.47 -14.01
CA VAL B 53 -28.52 6.68 -14.09
C VAL B 53 -27.67 7.74 -14.78
N ASP B 54 -28.32 8.84 -15.11
CA ASP B 54 -27.68 9.93 -15.82
C ASP B 54 -27.44 11.04 -14.80
N PRO B 55 -26.19 11.30 -14.38
CA PRO B 55 -25.92 12.25 -13.31
C PRO B 55 -26.33 13.68 -13.67
N THR B 56 -26.50 13.94 -14.98
CA THR B 56 -26.81 15.27 -15.45
C THR B 56 -28.32 15.58 -15.39
N THR B 57 -29.21 14.62 -15.11
CA THR B 57 -30.64 14.94 -15.07
C THR B 57 -31.29 14.49 -13.76
N VAL B 58 -30.44 13.93 -12.89
CA VAL B 58 -30.86 13.28 -11.67
C VAL B 58 -31.50 14.32 -10.71
N ARG B 59 -31.08 15.62 -10.80
CA ARG B 59 -31.69 16.69 -10.02
C ARG B 59 -32.93 17.27 -10.71
N GLN B 60 -33.20 16.88 -11.96
CA GLN B 60 -34.31 17.44 -12.70
C GLN B 60 -35.44 16.41 -12.85
N GLU B 61 -35.11 15.12 -12.88
CA GLU B 61 -36.13 14.14 -13.22
C GLU B 61 -35.81 12.80 -12.57
N GLY B 62 -36.84 12.20 -11.96
CA GLY B 62 -36.72 10.92 -11.34
C GLY B 62 -36.72 11.09 -9.84
N PRO B 63 -36.42 10.02 -9.08
CA PRO B 63 -36.71 10.01 -7.64
C PRO B 63 -35.78 10.82 -6.74
N TRP B 64 -34.69 11.37 -7.31
CA TRP B 64 -33.80 12.24 -6.56
C TRP B 64 -34.17 13.70 -6.80
N ALA B 65 -35.16 13.98 -7.66
CA ALA B 65 -35.38 15.36 -8.09
C ALA B 65 -36.12 16.18 -7.02
N ASP B 66 -36.90 15.53 -6.14
CA ASP B 66 -37.66 16.18 -5.07
C ASP B 66 -37.35 15.53 -3.72
N PRO B 67 -36.39 16.09 -2.97
CA PRO B 67 -35.89 15.42 -1.77
C PRO B 67 -36.91 15.24 -0.66
N ALA B 68 -37.98 16.03 -0.68
CA ALA B 68 -39.06 15.91 0.30
C ALA B 68 -39.93 14.69 -0.02
N GLN B 69 -39.68 14.05 -1.16
CA GLN B 69 -40.36 12.79 -1.45
C GLN B 69 -39.39 11.62 -1.53
N ALA B 70 -38.19 11.79 -0.96
CA ALA B 70 -37.12 10.79 -1.02
C ALA B 70 -37.45 9.54 -0.20
N VAL B 71 -38.27 9.68 0.85
CA VAL B 71 -38.55 8.56 1.73
C VAL B 71 -39.88 7.91 1.32
N VAL B 72 -39.84 6.66 0.86
CA VAL B 72 -40.98 5.95 0.31
C VAL B 72 -41.14 4.62 1.06
N GLN B 73 -42.33 4.37 1.60
CA GLN B 73 -42.63 3.09 2.19
C GLN B 73 -42.79 2.05 1.07
N THR B 74 -41.96 1.00 1.10
CA THR B 74 -41.90 0.01 0.04
C THR B 74 -42.31 -1.36 0.58
N GLY B 75 -42.50 -1.46 1.90
CA GLY B 75 -43.11 -2.64 2.50
C GLY B 75 -43.69 -2.33 3.86
N PRO B 76 -44.26 -3.34 4.56
CA PRO B 76 -44.94 -3.14 5.85
C PRO B 76 -44.04 -2.56 6.93
N ASN B 77 -42.76 -2.92 6.88
CA ASN B 77 -41.79 -2.35 7.79
C ASN B 77 -40.50 -2.00 7.01
N GLN B 78 -40.65 -1.51 5.78
CA GLN B 78 -39.52 -1.18 4.92
C GLN B 78 -39.70 0.21 4.29
N TYR B 79 -38.63 1.01 4.32
CA TYR B 79 -38.61 2.29 3.63
C TYR B 79 -37.39 2.36 2.71
N THR B 80 -37.61 2.87 1.49
CA THR B 80 -36.57 3.18 0.50
C THR B 80 -36.29 4.68 0.55
N VAL B 81 -35.00 5.07 0.59
CA VAL B 81 -34.62 6.47 0.66
C VAL B 81 -33.68 6.82 -0.48
N TYR B 82 -34.17 7.70 -1.36
CA TYR B 82 -33.35 8.17 -2.49
C TYR B 82 -32.50 9.34 -2.00
N VAL B 83 -31.19 9.11 -1.83
CA VAL B 83 -30.27 10.09 -1.32
C VAL B 83 -29.40 10.61 -2.46
N LEU B 84 -29.24 11.94 -2.52
CA LEU B 84 -28.23 12.54 -3.38
C LEU B 84 -27.03 13.02 -2.53
N ALA B 85 -25.84 12.51 -2.85
CA ALA B 85 -24.56 13.05 -2.38
C ALA B 85 -23.93 13.90 -3.48
N PHE B 86 -23.54 15.14 -3.15
CA PHE B 86 -23.14 16.12 -4.15
C PHE B 86 -22.14 17.08 -3.50
N ALA B 87 -21.52 17.95 -4.30
CA ALA B 87 -20.54 18.89 -3.77
C ALA B 87 -21.30 20.07 -3.17
N PHE B 88 -21.35 20.24 -1.82
CA PHE B 88 -20.76 19.43 -0.77
C PHE B 88 -21.83 19.24 0.31
N GLY B 89 -22.74 18.29 0.08
CA GLY B 89 -23.80 17.99 1.02
C GLY B 89 -24.64 16.80 0.58
N TYR B 90 -25.72 16.57 1.34
CA TYR B 90 -26.59 15.45 1.08
C TYR B 90 -28.03 15.96 1.13
N GLN B 91 -28.87 15.39 0.27
CA GLN B 91 -30.29 15.66 0.23
C GLN B 91 -31.03 14.33 0.23
N PRO B 92 -32.16 14.20 0.98
CA PRO B 92 -32.68 15.28 1.80
C PRO B 92 -31.81 15.50 3.03
N ASN B 93 -32.06 16.59 3.76
CA ASN B 93 -31.31 16.90 4.95
C ASN B 93 -32.24 17.62 5.93
N PRO B 94 -32.69 16.93 7.00
CA PRO B 94 -32.31 15.54 7.28
C PRO B 94 -33.03 14.44 6.49
N ILE B 95 -32.45 13.23 6.51
CA ILE B 95 -33.15 12.02 6.18
C ILE B 95 -33.91 11.60 7.43
N GLU B 96 -35.22 11.38 7.32
CA GLU B 96 -36.03 11.09 8.50
C GLU B 96 -36.64 9.71 8.35
N VAL B 97 -36.34 8.80 9.27
CA VAL B 97 -36.89 7.44 9.19
C VAL B 97 -37.31 6.98 10.59
N PRO B 98 -38.20 5.97 10.64
CA PRO B 98 -38.59 5.37 11.91
C PRO B 98 -37.63 4.26 12.32
N GLN B 99 -37.40 4.18 13.63
CA GLN B 99 -36.57 3.13 14.18
C GLN B 99 -37.25 1.78 13.98
N GLY B 100 -36.45 0.72 13.91
CA GLY B 100 -36.96 -0.63 13.84
C GLY B 100 -37.41 -1.03 12.43
N ALA B 101 -37.40 -0.09 11.48
CA ALA B 101 -37.80 -0.39 10.11
C ALA B 101 -36.56 -0.68 9.27
N GLU B 102 -36.71 -1.56 8.28
CA GLU B 102 -35.61 -1.79 7.37
C GLU B 102 -35.54 -0.58 6.42
N ILE B 103 -34.36 0.04 6.32
CA ILE B 103 -34.17 1.19 5.45
C ILE B 103 -33.28 0.79 4.28
N VAL B 104 -33.80 0.96 3.06
CA VAL B 104 -33.08 0.70 1.82
C VAL B 104 -32.62 2.06 1.27
N PHE B 105 -31.32 2.32 1.37
CA PHE B 105 -30.71 3.55 0.89
C PHE B 105 -30.31 3.36 -0.57
N LYS B 106 -30.71 4.30 -1.42
CA LYS B 106 -30.36 4.30 -2.83
C LYS B 106 -29.72 5.65 -3.11
N ILE B 107 -28.40 5.64 -3.24
CA ILE B 107 -27.58 6.84 -3.22
C ILE B 107 -26.85 6.99 -4.56
N THR B 108 -26.88 8.19 -5.12
CA THR B 108 -26.12 8.54 -6.30
C THR B 108 -25.63 9.98 -6.16
N SER B 109 -24.81 10.38 -7.13
CA SER B 109 -24.11 11.65 -7.14
C SER B 109 -24.29 12.29 -8.52
N PRO B 110 -24.44 13.63 -8.58
CA PRO B 110 -24.47 14.32 -9.86
C PRO B 110 -23.14 14.87 -10.33
N ASP B 111 -22.05 14.60 -9.60
CA ASP B 111 -20.81 15.31 -9.89
C ASP B 111 -19.66 14.32 -9.83
N VAL B 112 -19.09 14.12 -8.62
CA VAL B 112 -17.93 13.26 -8.43
C VAL B 112 -18.26 12.16 -7.43
N ILE B 113 -17.28 11.29 -7.17
CA ILE B 113 -17.43 10.26 -6.15
C ILE B 113 -17.48 10.89 -4.76
N HIS B 114 -18.46 10.44 -3.96
CA HIS B 114 -18.54 10.80 -2.55
C HIS B 114 -18.61 9.51 -1.72
N GLY B 115 -18.27 9.64 -0.44
CA GLY B 115 -18.55 8.60 0.53
C GLY B 115 -19.88 8.86 1.24
N PHE B 116 -20.41 7.81 1.87
CA PHE B 116 -21.61 7.86 2.67
C PHE B 116 -21.40 6.96 3.87
N HIS B 117 -20.87 7.57 4.93
CA HIS B 117 -20.45 6.87 6.13
C HIS B 117 -21.29 7.38 7.29
N VAL B 118 -22.12 6.48 7.82
CA VAL B 118 -23.09 6.84 8.83
C VAL B 118 -22.48 6.44 10.16
N GLU B 119 -22.01 7.47 10.86
CA GLU B 119 -21.29 7.29 12.11
C GLU B 119 -22.15 6.56 13.14
N GLY B 120 -21.53 5.56 13.79
CA GLY B 120 -22.19 4.70 14.76
C GLY B 120 -22.77 3.46 14.08
N THR B 121 -22.74 3.40 12.73
CA THR B 121 -23.23 2.22 12.03
C THR B 121 -22.15 1.64 11.13
N ASN B 122 -22.46 0.46 10.55
CA ASN B 122 -21.64 -0.14 9.53
C ASN B 122 -21.93 0.34 8.10
N ILE B 123 -22.81 1.32 7.91
CA ILE B 123 -23.08 1.87 6.60
C ILE B 123 -21.87 2.72 6.16
N ASN B 124 -21.22 2.31 5.05
CA ASN B 124 -19.99 2.90 4.59
C ASN B 124 -19.79 2.49 3.14
N VAL B 125 -20.30 3.35 2.27
CA VAL B 125 -20.44 2.98 0.87
C VAL B 125 -19.99 4.14 -0.01
N GLU B 126 -19.29 3.79 -1.09
CA GLU B 126 -18.88 4.76 -2.11
C GLU B 126 -20.08 5.05 -3.01
N VAL B 127 -20.14 6.30 -3.48
CA VAL B 127 -21.22 6.80 -4.30
C VAL B 127 -20.62 7.31 -5.60
N LEU B 128 -20.97 6.63 -6.70
CA LEU B 128 -20.40 6.87 -8.02
C LEU B 128 -21.42 7.60 -8.87
N PRO B 129 -21.05 8.73 -9.52
CA PRO B 129 -21.91 9.34 -10.54
C PRO B 129 -22.19 8.30 -11.63
N GLY B 130 -23.47 8.18 -11.98
CA GLY B 130 -23.92 7.28 -13.02
C GLY B 130 -24.39 5.95 -12.49
N GLU B 131 -24.22 5.74 -11.16
CA GLU B 131 -24.50 4.45 -10.56
C GLU B 131 -25.30 4.70 -9.28
N VAL B 132 -26.19 3.76 -8.95
CA VAL B 132 -26.93 3.80 -7.70
C VAL B 132 -26.28 2.84 -6.71
N SER B 133 -25.87 3.35 -5.54
CA SER B 133 -25.40 2.50 -4.47
C SER B 133 -26.57 2.14 -3.57
N THR B 134 -26.83 0.83 -3.40
CA THR B 134 -27.95 0.34 -2.63
C THR B 134 -27.47 -0.47 -1.43
N VAL B 135 -27.86 -0.02 -0.21
CA VAL B 135 -27.43 -0.65 1.03
C VAL B 135 -28.65 -0.64 1.95
N ARG B 136 -28.69 -1.54 2.94
CA ARG B 136 -29.87 -1.74 3.78
C ARG B 136 -29.43 -1.76 5.25
N TYR B 137 -30.22 -1.17 6.14
CA TYR B 137 -29.87 -1.11 7.54
C TYR B 137 -31.14 -0.85 8.36
N THR B 138 -31.13 -1.39 9.60
CA THR B 138 -32.20 -1.13 10.54
C THR B 138 -31.65 -0.37 11.73
N PHE B 139 -32.14 0.84 11.97
CA PHE B 139 -31.69 1.65 13.09
C PHE B 139 -32.44 1.17 14.34
N LYS B 140 -31.69 0.66 15.31
CA LYS B 140 -32.27 0.13 16.53
C LYS B 140 -32.44 1.25 17.56
N ARG B 141 -31.60 2.29 17.52
CA ARG B 141 -31.66 3.36 18.51
C ARG B 141 -32.15 4.65 17.84
N PRO B 142 -33.15 5.33 18.42
CA PRO B 142 -33.62 6.61 17.88
C PRO B 142 -32.60 7.73 18.14
N GLY B 143 -32.76 8.84 17.42
CA GLY B 143 -31.85 9.97 17.53
C GLY B 143 -31.25 10.37 16.18
N GLU B 144 -30.18 11.16 16.27
CA GLU B 144 -29.57 11.82 15.14
C GLU B 144 -28.23 11.15 14.86
N TYR B 145 -28.03 10.72 13.61
CA TYR B 145 -26.78 10.13 13.16
C TYR B 145 -26.16 11.09 12.14
N ARG B 146 -24.83 11.23 12.20
CA ARG B 146 -24.10 12.04 11.25
C ARG B 146 -23.66 11.22 10.05
N ILE B 147 -23.86 11.76 8.85
CA ILE B 147 -23.26 11.25 7.64
C ILE B 147 -21.95 12.00 7.39
N ILE B 148 -20.85 11.23 7.23
CA ILE B 148 -19.56 11.78 6.86
C ILE B 148 -19.21 11.35 5.43
N CYS B 149 -18.78 12.33 4.62
CA CYS B 149 -18.17 11.99 3.33
C CYS B 149 -16.71 11.60 3.59
N ASN B 150 -16.36 10.35 3.28
CA ASN B 150 -15.01 9.85 3.53
C ASN B 150 -14.24 9.54 2.25
N GLN B 151 -14.67 10.13 1.13
CA GLN B 151 -13.95 10.08 -0.13
C GLN B 151 -13.72 11.52 -0.63
N TYR B 152 -12.44 11.76 -0.93
CA TYR B 152 -11.99 13.08 -1.34
C TYR B 152 -12.75 13.48 -2.59
N CYS B 153 -13.47 14.60 -2.49
CA CYS B 153 -14.39 15.03 -3.53
C CYS B 153 -14.10 16.46 -3.97
N GLY B 154 -12.97 17.01 -3.51
CA GLY B 154 -12.66 18.41 -3.78
C GLY B 154 -12.42 19.18 -2.51
N LEU B 155 -12.28 20.49 -2.66
CA LEU B 155 -11.84 21.34 -1.58
C LEU B 155 -12.89 21.43 -0.48
N GLY B 156 -14.14 21.04 -0.76
CA GLY B 156 -15.17 21.11 0.27
C GLY B 156 -15.30 19.84 1.11
N HIS B 157 -14.44 18.85 0.84
CA HIS B 157 -14.55 17.52 1.43
C HIS B 157 -14.72 17.55 2.96
N GLN B 158 -13.84 18.28 3.66
CA GLN B 158 -13.80 18.28 5.11
C GLN B 158 -15.09 18.82 5.77
N ASN B 159 -15.90 19.61 5.07
CA ASN B 159 -17.18 20.11 5.60
C ASN B 159 -18.39 19.41 4.99
N MET B 160 -18.20 18.32 4.25
CA MET B 160 -19.35 17.65 3.66
C MET B 160 -19.93 16.65 4.66
N PHE B 161 -21.00 17.07 5.36
CA PHE B 161 -21.72 16.22 6.30
C PHE B 161 -23.20 16.20 5.97
N GLY B 162 -23.88 15.17 6.46
CA GLY B 162 -25.33 15.15 6.49
C GLY B 162 -25.86 14.60 7.79
N THR B 163 -27.19 14.48 7.84
CA THR B 163 -27.86 14.08 9.06
C THR B 163 -28.96 13.06 8.78
N ILE B 164 -29.02 12.02 9.60
CA ILE B 164 -30.16 11.11 9.63
C ILE B 164 -30.85 11.26 10.99
N VAL B 165 -32.17 11.49 10.95
CA VAL B 165 -32.98 11.49 12.16
C VAL B 165 -33.80 10.21 12.18
N VAL B 166 -33.55 9.40 13.22
CA VAL B 166 -34.30 8.21 13.51
C VAL B 166 -35.33 8.53 14.59
N LYS B 167 -36.61 8.44 14.22
CA LYS B 167 -37.72 8.82 15.08
C LYS B 167 -38.12 7.63 15.93
N GLU B 168 -38.38 7.89 17.22
CA GLU B 168 -38.82 6.88 18.17
C GLU B 168 -40.13 6.24 17.70
N LYS C 4 15.40 -26.04 19.46
CA LYS C 4 14.22 -25.38 18.81
C LYS C 4 14.48 -23.89 18.66
N PRO C 5 13.91 -23.23 17.64
CA PRO C 5 14.11 -21.78 17.44
C PRO C 5 13.20 -20.92 18.32
N LYS C 6 13.57 -20.81 19.60
CA LYS C 6 12.75 -20.20 20.65
C LYS C 6 12.49 -18.72 20.34
N GLY C 7 13.52 -18.00 19.92
CA GLY C 7 13.39 -16.60 19.51
C GLY C 7 12.39 -16.37 18.37
N ALA C 8 12.49 -17.15 17.29
CA ALA C 8 11.54 -17.04 16.18
C ALA C 8 10.11 -17.31 16.65
N LEU C 9 9.94 -18.31 17.54
CA LEU C 9 8.61 -18.68 18.01
C LEU C 9 8.04 -17.54 18.86
N ALA C 10 8.88 -16.89 19.66
CA ALA C 10 8.42 -15.73 20.40
C ALA C 10 7.95 -14.62 19.44
N VAL C 11 8.69 -14.36 18.35
CA VAL C 11 8.27 -13.34 17.41
C VAL C 11 6.89 -13.67 16.83
N ILE C 12 6.64 -14.95 16.47
CA ILE C 12 5.40 -15.29 15.79
C ILE C 12 4.29 -15.38 16.84
N LEU C 13 4.67 -15.46 18.14
CA LEU C 13 3.66 -15.41 19.20
C LEU C 13 3.14 -13.98 19.33
N VAL C 14 4.06 -13.02 19.34
CA VAL C 14 3.69 -11.61 19.33
C VAL C 14 2.86 -11.28 18.09
N LEU C 15 3.24 -11.80 16.92
CA LEU C 15 2.53 -11.56 15.66
C LEU C 15 1.11 -12.14 15.73
N THR C 16 0.98 -13.37 16.26
CA THR C 16 -0.30 -14.02 16.44
C THR C 16 -1.22 -13.22 17.38
N LEU C 17 -0.72 -12.84 18.56
CA LEU C 17 -1.45 -12.03 19.52
C LEU C 17 -1.89 -10.72 18.89
N THR C 18 -1.00 -10.09 18.10
CA THR C 18 -1.34 -8.79 17.54
C THR C 18 -2.50 -8.98 16.56
N ILE C 19 -2.36 -9.99 15.67
CA ILE C 19 -3.37 -10.27 14.67
C ILE C 19 -4.69 -10.52 15.37
N LEU C 20 -4.70 -11.33 16.46
CA LEU C 20 -5.98 -11.70 17.06
C LEU C 20 -6.63 -10.50 17.73
N VAL C 21 -5.83 -9.63 18.37
CA VAL C 21 -6.37 -8.50 19.12
C VAL C 21 -7.02 -7.55 18.13
N PHE C 22 -6.31 -7.28 17.03
CA PHE C 22 -6.80 -6.46 15.94
C PHE C 22 -8.09 -7.04 15.37
N TRP C 23 -8.10 -8.33 15.02
CA TRP C 23 -9.17 -8.90 14.25
C TRP C 23 -10.42 -9.03 15.14
N LEU C 24 -10.28 -9.60 16.34
CA LEU C 24 -11.44 -9.78 17.20
C LEU C 24 -11.93 -8.45 17.75
N GLY C 25 -11.02 -7.51 18.00
CA GLY C 25 -11.42 -6.16 18.35
C GLY C 25 -12.37 -5.54 17.32
N VAL C 26 -11.98 -5.60 16.04
CA VAL C 26 -12.79 -4.98 15.00
C VAL C 26 -14.07 -5.78 14.75
N TYR C 27 -14.02 -7.09 14.93
CA TYR C 27 -15.19 -7.95 14.82
C TYR C 27 -16.25 -7.51 15.84
N ALA C 28 -15.80 -7.20 17.06
CA ALA C 28 -16.67 -6.73 18.12
C ALA C 28 -17.25 -5.36 17.74
N VAL C 29 -16.41 -4.48 17.22
CA VAL C 29 -16.90 -3.18 16.80
C VAL C 29 -17.94 -3.34 15.69
N PHE C 30 -17.71 -4.25 14.74
CA PHE C 30 -18.63 -4.49 13.65
C PHE C 30 -20.01 -4.88 14.15
N PHE C 31 -20.09 -5.83 15.11
CA PHE C 31 -21.37 -6.23 15.65
C PHE C 31 -22.01 -5.14 16.55
N ALA C 32 -21.22 -4.37 17.29
CA ALA C 32 -21.79 -3.31 18.09
C ALA C 32 -22.48 -2.25 17.21
N ARG C 33 -21.97 -2.08 15.98
CA ARG C 33 -22.48 -1.11 15.02
C ARG C 33 -23.52 -1.69 14.08
N GLY C 34 -23.84 -2.98 14.27
CA GLY C 34 -24.77 -3.68 13.39
C GLY C 34 -26.23 -3.43 13.74
CU CU D . -4.49 -4.07 -1.51
CHA HEM E . -0.89 10.18 3.71
CHB HEM E . 2.01 11.69 7.27
CHC HEM E . 5.75 9.83 4.94
CHD HEM E . 2.72 7.69 1.86
C1A HEM E . -0.45 10.70 4.87
C2A HEM E . -1.28 11.24 5.91
C3A HEM E . -0.43 11.63 6.92
C4A HEM E . 0.88 11.38 6.50
CMA HEM E . -0.76 12.27 8.28
CAA HEM E . -2.81 11.28 5.99
CBA HEM E . -3.40 12.50 5.24
CGA HEM E . -4.87 12.36 4.93
O1A HEM E . -5.50 13.42 4.67
O2A HEM E . -5.46 11.22 4.90
C1B HEM E . 3.30 11.33 6.92
C2B HEM E . 4.48 11.74 7.63
C3B HEM E . 5.52 11.21 6.96
C4B HEM E . 4.92 10.53 5.78
CMB HEM E . 4.55 12.60 8.92
CAB HEM E . 6.98 11.32 7.09
CBB HEM E . 7.54 12.40 7.61
C1C HEM E . 5.31 8.95 3.93
C2C HEM E . 6.07 8.08 3.15
C3C HEM E . 5.18 7.49 2.29
C4C HEM E . 3.88 7.98 2.57
CMC HEM E . 7.59 7.85 3.22
CAC HEM E . 5.46 6.46 1.29
CBC HEM E . 6.60 5.84 1.11
C1D HEM E . 1.51 8.29 2.06
C2D HEM E . 0.38 7.97 1.22
C3D HEM E . -0.65 8.68 1.73
C4D HEM E . -0.09 9.41 2.90
CMD HEM E . 0.29 7.05 -0.02
CAD HEM E . -2.09 8.68 1.20
CBD HEM E . -2.35 9.87 0.22
CGD HEM E . -3.79 9.88 -0.23
O1D HEM E . -4.14 10.30 -1.35
O2D HEM E . -4.70 9.42 0.52
NA HEM E . 0.89 10.76 5.27
NB HEM E . 3.61 10.70 5.81
NC HEM E . 4.01 8.87 3.58
ND HEM E . 1.20 9.15 3.06
FE HEM E . 2.39 9.81 4.41
FE HAS F . -2.52 -2.85 2.70
CHA HAS F . -4.88 -0.55 1.98
CHB HAS F . -4.87 -5.36 2.93
CHC HAS F . -0.05 -5.25 3.16
CHD HAS F . -0.09 -0.71 1.45
NA HAS F . -2.47 -0.93 1.95
C1A HAS F . -3.52 -0.13 1.71
C2A HAS F . -3.26 1.17 1.11
C3A HAS F . -1.83 1.09 0.95
C4A HAS F . -1.46 -0.25 1.46
CMA HAS F . -0.99 2.15 0.35
OMD HAS F . -7.83 -5.79 2.18
CAA HAS F . -4.21 2.33 0.80
CBA HAS F . -4.64 2.34 -0.68
CGA HAS F . -5.40 3.59 -0.86
O1A HAS F . -4.63 4.61 -0.90
O2A HAS F . -6.69 3.53 -0.87
NB HAS F . -2.49 -4.93 3.02
C1B HAS F . -3.52 -5.79 3.11
C2B HAS F . -3.17 -7.20 3.45
C3B HAS F . -1.73 -7.18 3.54
C4B HAS F . -1.44 -5.72 3.28
CMB HAS F . -4.07 -8.37 3.62
NC HAS F . -0.44 -2.94 2.35
C1C HAS F . 0.39 -3.95 2.56
C2C HAS F . 1.80 -3.70 2.23
C3C HAS F . 1.74 -2.33 1.75
C4C HAS F . 0.35 -2.00 1.85
CMC HAS F . 2.94 -4.68 2.39
CAC HAS F . 2.80 -1.41 1.24
CBC HAS F . 4.09 -1.72 1.26
ND HAS F . -4.56 -2.94 2.56
C1D HAS F . -5.35 -4.03 2.59
C2D HAS F . -6.75 -3.72 2.36
C3D HAS F . -6.78 -2.30 2.09
C4D HAS F . -5.37 -1.92 2.24
CMD HAS F . -7.95 -4.59 2.29
CAD HAS F . -7.97 -1.47 1.78
CBD HAS F . -8.64 -1.01 3.05
CGD HAS F . -9.59 0.11 2.69
O1D HAS F . -10.74 0.08 3.19
O2D HAS F . -9.19 1.03 1.91
C11 HAS F . -0.81 -8.35 3.78
O11 HAS F . -0.02 -8.56 2.63
C12 HAS F . 0.05 -8.18 5.04
C13 HAS F . 0.66 -9.47 5.56
C14 HAS F . 1.62 -9.14 6.67
C15 HAS F . 1.85 -9.87 7.82
C16 HAS F . 2.90 -9.38 8.80
C17 HAS F . 4.10 -10.35 8.90
C18 HAS F . 5.14 -9.76 9.82
C19 HAS F . 6.49 -9.69 9.56
C20 HAS F . 7.42 -9.04 10.56
C21 HAS F . 8.09 -10.03 11.54
C22 HAS F . 9.10 -9.31 12.39
C23 HAS F . 10.43 -9.61 12.49
C24 HAS F . 11.31 -8.74 13.36
C25 HAS F . 11.05 -10.78 11.72
C26 HAS F . 1.14 -11.15 8.13
C27 HAS F . 7.11 -10.26 8.30
C28 HAS F . 11.91 -9.62 14.43
C29 HAS F . 13.09 -8.94 15.03
C30 HAS F . 13.32 -8.91 16.37
C31 HAS F . 14.54 -8.19 16.80
C32 HAS F . 12.44 -9.47 17.47
C10 OLC G . 10.07 10.31 20.78
C9 OLC G . 11.40 10.30 20.68
C11 OLC G . 9.24 10.83 21.91
C8 OLC G . 12.42 10.53 21.77
C24 OLC G . 20.40 1.10 19.12
C16 OLC G . 8.07 8.34 27.49
C12 OLC G . 9.25 9.94 23.13
C7 OLC G . 13.86 10.27 21.39
C15 OLC G . 7.81 8.33 25.98
C13 OLC G . 7.89 9.68 23.78
C6 OLC G . 14.18 8.83 20.97
C14 OLC G . 7.88 9.69 25.31
C5 OLC G . 15.50 8.64 20.23
C4 OLC G . 16.06 7.24 20.34
C3 OLC G . 17.37 7.03 19.62
C2 OLC G . 17.91 5.67 19.85
C21 OLC G . 20.77 3.62 18.81
C1 OLC G . 19.17 5.35 19.08
C22 OLC G . 21.11 2.37 19.60
O19 OLC G . 19.76 6.04 18.27
O25 OLC G . 20.42 0.90 17.70
O23 OLC G . 22.51 2.21 19.55
O20 OLC G . 19.53 4.12 19.35
C10 OLC H . 4.03 15.39 -25.62
C9 OLC H . 2.95 15.61 -26.32
C11 OLC H . 5.35 15.01 -26.26
C8 OLC H . 1.55 15.76 -25.84
C24 OLC H . -9.79 19.48 -21.79
C7 OLC H . 0.89 17.01 -26.35
C6 OLC H . -0.62 16.97 -26.33
C5 OLC H . -1.30 18.31 -26.14
C4 OLC H . -2.78 18.23 -26.32
C3 OLC H . -3.57 19.33 -25.62
C2 OLC H . -5.02 18.98 -25.48
C21 OLC H . -7.59 19.49 -23.00
C1 OLC H . -5.72 19.72 -24.38
C22 OLC H . -9.09 19.44 -23.13
O19 OLC H . -5.22 20.51 -23.62
O25 OLC H . -10.08 18.15 -21.32
O23 OLC H . -9.50 20.53 -23.95
O20 OLC H . -7.00 19.39 -24.30
C10 OLC I . 14.48 15.25 -23.83
C9 OLC I . 15.74 14.89 -23.90
C8 OLC I . 16.39 13.79 -23.12
C24 OLC I . 26.51 8.88 -18.28
C7 OLC I . 17.61 13.23 -23.77
C6 OLC I . 18.77 12.94 -22.82
C5 OLC I . 20.08 12.72 -23.50
C4 OLC I . 21.19 12.22 -22.64
C3 OLC I . 21.33 10.71 -22.58
C2 OLC I . 22.72 10.26 -22.25
C21 OLC I . 24.56 8.55 -19.86
C1 OLC I . 22.78 9.04 -21.34
C22 OLC I . 24.99 8.78 -18.43
O19 OLC I . 22.33 7.95 -21.61
O25 OLC I . 27.15 7.68 -18.71
O23 OLC I . 24.34 9.94 -17.88
O20 OLC I . 23.39 9.33 -20.18
C8 OLC J . 14.69 -11.28 -23.59
C24 OLC J . 9.48 -18.21 -19.48
C7 OLC J . 13.48 -10.70 -22.85
C6 OLC J . 12.18 -10.70 -23.65
C5 OLC J . 10.91 -11.03 -22.88
C4 OLC J . 9.82 -11.75 -23.71
C3 OLC J . 9.03 -12.91 -23.02
C2 OLC J . 9.12 -12.88 -21.51
C21 OLC J . 8.26 -15.96 -19.60
C1 OLC J . 8.24 -13.90 -20.78
C22 OLC J . 9.25 -16.85 -18.86
O19 OLC J . 7.05 -13.85 -20.70
O25 OLC J . 10.78 -18.31 -20.06
O23 OLC J . 10.49 -16.17 -18.79
O20 OLC J . 8.96 -14.82 -20.16
C10 OLC K . 3.65 11.93 25.56
C9 OLC K . 2.35 12.16 25.56
C11 OLC K . 4.32 10.66 26.02
C8 OLC K . 1.27 11.30 26.13
C24 OLC K . -10.17 14.33 26.72
C7 OLC K . -0.04 11.39 25.39
C6 OLC K . -1.27 11.31 26.29
C5 OLC K . -2.48 12.04 25.76
C4 OLC K . -3.09 13.06 26.70
C3 OLC K . -4.54 13.37 26.38
C2 OLC K . -4.99 14.68 26.92
C21 OLC K . -8.33 15.99 26.05
C1 OLC K . -6.03 15.36 26.08
C22 OLC K . -9.64 15.76 26.81
O19 OLC K . -5.78 16.06 25.13
O25 OLC K . -10.34 13.73 28.00
O23 OLC K . -9.46 16.11 28.18
O20 OLC K . -7.27 15.14 26.54
C8 OLC L . 4.42 15.31 24.37
C24 OLC L . -6.15 20.83 23.64
C7 OLC L . 3.18 15.70 23.59
C6 OLC L . 3.25 17.06 22.92
C5 OLC L . 2.02 17.43 22.11
C4 OLC L . 1.58 18.87 22.26
C3 OLC L . 0.31 19.20 21.50
C2 OLC L . -0.65 20.08 22.24
C21 OLC L . -4.25 19.44 22.66
C1 OLC L . -2.08 19.95 21.74
C22 OLC L . -5.10 19.75 23.88
O19 OLC L . -2.38 19.74 20.59
O25 OLC L . -5.57 22.12 23.41
O23 OLC L . -5.76 18.55 24.31
O20 OLC L . -2.97 20.12 22.74
C10 OLC M . -1.22 6.72 -25.34
C9 OLC M . -2.26 7.53 -25.54
C11 OLC M . 0.18 7.16 -24.90
C8 OLC M . -3.55 7.26 -26.25
C24 OLC M . -14.46 9.11 -29.46
C12 OLC M . 0.86 6.25 -23.87
C7 OLC M . -4.16 8.51 -26.88
C13 OLC M . 2.24 6.74 -23.41
C6 OLC M . -5.55 8.35 -27.50
C5 OLC M . -5.58 8.04 -29.01
C4 OLC M . -6.37 6.78 -29.41
C3 OLC M . -7.58 7.01 -30.30
C2 OLC M . -8.88 7.20 -29.54
C21 OLC M . -12.38 8.10 -30.56
C1 OLC M . -10.02 7.70 -30.42
C22 OLC M . -13.65 7.85 -29.76
O19 OLC M . -9.86 7.99 -31.57
O25 OLC M . -15.87 8.91 -29.54
O23 OLC M . -14.47 6.92 -30.46
O20 OLC M . -11.20 7.78 -29.78
C10 OLC N . 8.69 0.85 20.36
C9 OLC N . 9.94 0.43 20.53
C11 OLC N . 8.12 2.19 20.76
C8 OLC N . 10.48 -0.84 19.93
C24 OLC N . 21.57 -2.13 24.00
C12 OLC N . 6.66 2.40 20.42
C7 OLC N . 11.94 -1.11 20.16
C13 OLC N . 6.11 3.81 20.67
C6 OLC N . 12.27 -2.61 20.29
C14 OLC N . 4.60 3.96 20.48
C5 OLC N . 13.65 -3.04 19.79
C4 OLC N . 14.67 -3.27 20.89
C3 OLC N . 16.11 -3.24 20.42
C2 OLC N . 17.05 -2.55 21.35
C21 OLC N . 20.61 -3.33 21.97
C1 OLC N . 18.29 -3.35 21.63
C22 OLC N . 21.69 -2.42 22.52
O19 OLC N . 18.28 -4.54 21.84
O25 OLC N . 20.87 -3.15 24.72
O23 OLC N . 22.97 -3.00 22.24
O20 OLC N . 19.40 -2.62 21.63
C18 OLC O . 5.55 18.90 -21.73
C10 OLC O . -0.34 24.93 -16.98
C17 OLC O . 5.09 20.08 -20.88
C11 OLC O . -0.20 23.49 -16.60
C16 OLC O . 3.72 19.93 -20.23
C12 OLC O . 1.13 22.85 -16.95
C15 OLC O . 2.92 21.23 -20.00
C13 OLC O . 1.33 22.55 -18.45
C14 OLC O . 1.98 21.21 -18.80
C18 OLC P . 22.35 11.46 -9.60
C10 OLC P . 14.57 16.70 -9.63
C17 OLC P . 21.56 12.69 -9.97
C11 OLC P . 15.79 17.07 -10.43
C16 OLC P . 20.07 12.53 -10.28
C12 OLC P . 17.11 16.56 -9.86
C15 OLC P . 19.46 13.67 -11.10
C13 OLC P . 18.03 15.81 -10.84
C14 OLC P . 18.23 14.32 -10.51
C10 OLC Q . -5.13 -1.34 18.23
C9 OLC Q . -5.94 -2.38 18.24
C17 OLC Q . 1.84 0.39 17.44
C11 OLC Q . -5.20 -0.16 17.31
C8 OLC Q . -7.25 -2.51 17.53
C24 OLC Q . -17.74 -2.11 20.80
C16 OLC Q . 1.01 0.04 16.23
C12 OLC Q . -3.92 0.65 17.35
C7 OLC Q . -8.19 -3.44 18.24
C15 OLC Q . -0.35 0.71 16.09
C13 OLC Q . -2.84 0.23 16.35
C6 OLC Q . -9.64 -2.96 18.18
C14 OLC Q . -1.45 0.10 16.93
C5 OLC Q . -9.95 -1.89 19.16
C4 OLC Q . -11.40 -1.78 19.51
C3 OLC Q . -11.86 -2.72 20.59
C2 OLC Q . -13.14 -2.28 21.21
C21 OLC Q . -16.37 -3.80 22.09
C1 OLC Q . -14.08 -3.40 21.58
C22 OLC Q . -17.68 -3.06 21.97
O19 OLC Q . -13.75 -4.49 21.98
O25 OLC Q . -18.21 -0.82 21.17
O23 OLC Q . -18.72 -4.03 21.88
O20 OLC Q . -15.34 -3.03 21.43
C8 OLC R . -6.45 2.16 20.31
C24 OLC R . -19.05 1.93 19.80
C7 OLC R . -7.68 2.55 21.10
C6 OLC R . -8.99 1.91 20.65
C5 OLC R . -10.21 2.83 20.68
C4 OLC R . -11.54 2.13 20.89
C3 OLC R . -12.73 2.77 20.19
C2 OLC R . -14.03 2.05 20.47
C21 OLC R . -16.94 1.02 18.68
C1 OLC R . -15.09 2.29 19.43
C22 OLC R . -18.39 1.47 18.51
O19 OLC R . -14.92 2.96 18.45
O25 OLC R . -20.47 1.78 19.75
O23 OLC R . -18.48 2.48 17.51
O20 OLC R . -16.25 1.73 19.75
CL CL S . 2.75 -8.19 3.08
CL CL T . -3.11 -3.08 -0.10
C10 OLC U . -18.97 -17.86 -1.87
C9 OLC U . -19.97 -17.15 -1.38
C17 OLC U . -10.39 -19.35 -3.57
C11 OLC U . -17.50 -17.64 -1.78
C8 OLC U . -20.05 -15.70 -1.01
C16 OLC U . -11.85 -19.16 -3.92
C12 OLC U . -16.71 -18.76 -2.43
C7 OLC U . -21.45 -15.14 -1.03
C15 OLC U . -12.82 -19.21 -2.74
C13 OLC U . -15.25 -18.87 -2.00
C6 OLC U . -21.61 -13.78 -0.39
C14 OLC U . -14.30 -19.34 -3.09
C5 OLC U . -22.95 -13.10 -0.65
C4 OLC U . -23.79 -12.80 0.57
C3 OLC U . -24.21 -11.35 0.76
C2 OLC U . -25.43 -10.92 -0.04
C21 OLC U . -25.97 -7.33 -1.01
C1 OLC U . -25.79 -9.45 0.12
O19 OLC U . -26.06 -8.94 1.20
O20 OLC U . -25.79 -8.78 -1.04
CU1 CUA V . -15.67 14.09 0.19
CU2 CUA V . -18.01 14.43 -0.75
C18 OLC W . -8.72 -28.64 17.34
C10 OLC W . -13.59 -20.75 16.28
C9 OLC W . -14.57 -20.01 15.82
C17 OLC W . -9.83 -27.62 17.36
C11 OLC W . -13.63 -22.22 16.55
C8 OLC W . -15.89 -20.52 15.31
C24 OLC W . -24.34 -12.77 16.39
C16 OLC W . -10.75 -27.70 16.16
C12 OLC W . -12.59 -23.01 15.82
C7 OLC W . -16.84 -19.46 14.85
C15 OLC W . -12.01 -26.85 16.26
C13 OLC W . -12.87 -24.51 15.75
C6 OLC W . -18.16 -19.41 15.60
C14 OLC W . -11.75 -25.36 16.28
C5 OLC W . -19.35 -19.07 14.73
C4 OLC W . -20.44 -18.31 15.43
C3 OLC W . -20.13 -16.87 15.70
C2 OLC W . -21.28 -16.14 16.32
C21 OLC W . -21.93 -12.63 17.30
C1 OLC W . -20.98 -14.69 16.59
C22 OLC W . -23.25 -11.91 17.02
O19 OLC W . -19.91 -14.17 16.41
O25 OLC W . -25.01 -12.11 15.31
O23 OLC W . -23.73 -11.36 18.25
O20 OLC W . -22.05 -14.05 17.08
C10 OLC X . 0.81 -20.92 17.91
C9 OLC X . 1.55 -21.67 17.14
C17 OLC X . -6.06 -19.78 20.09
C11 OLC X . 1.16 -19.64 18.62
C8 OLC X . 3.01 -21.55 16.84
C24 OLC X . 10.03 -30.73 17.04
C16 OLC X . -4.59 -20.10 20.15
C12 OLC X . 0.27 -19.37 19.82
C7 OLC X . 3.51 -22.55 15.86
C15 OLC X . -3.65 -18.91 20.20
C13 OLC X . -1.16 -18.88 19.52
C6 OLC X . 3.43 -23.99 16.32
C14 OLC X . -2.20 -19.21 20.59
C5 OLC X . 4.76 -24.69 16.37
C4 OLC X . 4.72 -26.05 17.02
C3 OLC X . 4.61 -27.21 16.05
C2 OLC X . 5.41 -28.41 16.46
C21 OLC X . 7.87 -30.66 15.71
C1 OLC X . 6.53 -28.73 15.51
C22 OLC X . 9.38 -30.87 15.68
O19 OLC X . 6.52 -28.43 14.36
O25 OLC X . 11.45 -30.91 16.93
O23 OLC X . 9.64 -32.19 15.19
O20 OLC X . 7.56 -29.31 16.12
#